data_4YXM
#
_entry.id   4YXM
#
_cell.length_a   108.550
_cell.length_b   108.550
_cell.length_c   165.920
_cell.angle_alpha   90.00
_cell.angle_beta   90.00
_cell.angle_gamma   90.00
#
_symmetry.space_group_name_H-M   'P 4 21 2'
#
loop_
_entity.id
_entity.type
_entity.pdbx_description
1 polymer 'DNA integrity scanning protein DisA'
2 non-polymer "(2R,3R,3aS,5R,7aR,9R,10R,10aS,12R,14aR)-2,9-bis(6-amino-9H-purin-9-yl)octahydro-2H,7H-difuro[3,2-d:3',2'-j][1,3,7,9,2,8 ]tetraoxadiphosphacyclododecine-3,5,10,12-tetrol 5,12-dioxide"
3 non-polymer (4S)-2-METHYL-2,4-PENTANEDIOL
4 water water
#
_entity_poly.entity_id   1
_entity_poly.type   'polypeptide(L)'
_entity_poly.pdbx_seq_one_letter_code
;MGSSHHHHHHSSGLVPRGSHMGVKSLVPQELIEKIKLISPGTELRKALDDIINANFGALIFLVDDPKKYEDVIQGGFWLD
TDFSAEKLYELSKMNGAIVLSEDITKIYYANVHLVPDPTIPTGETGTRHRTAERLAKQTGKVVIAVSRRRNIISLYYKNY
KYVVNQVDFLISKVTQAISTLEKYKDNFNKLLSELEVLELENRVTLADVVRTLAKGFELLRIVEEIRPYIVELGEEGRLA
RMQLRELTEDVDDLLVLLIMDYSSEEVEEETAQNILQDFITRREPSPISISRVLGYDVQQAAQLDDVLVSARGYRLLKTV
ARIPLSIGYNVVRMFKTLDQISKASVEDLKKVEGIGEKRARAISESISSLKHRKTSE
;
_entity_poly.pdbx_strand_id   A,B
#
loop_
_chem_comp.id
_chem_comp.type
_chem_comp.name
_chem_comp.formula
2BA non-polymer '(2R,3R,3aS,5R,7aR,9R,10R,10aS,12R,14aR)-2,9-bis(6-amino-9H-purin-9-yl)octahydro-2H,7H-difuro[3,2-d:3',2'-j][1,3,7,9,2,8 ]tetraoxadiphosphacyclododecine-3,5,10,12-tetrol 5,12-dioxide' 'C20 H24 N10 O12 P2'
MPD non-polymer (4S)-2-METHYL-2,4-PENTANEDIOL 'C6 H14 O2'
#
# COMPACT_ATOMS: atom_id res chain seq x y z
N VAL A 27 -31.20 4.00 -4.48
CA VAL A 27 -30.02 4.79 -4.12
C VAL A 27 -30.34 5.83 -3.05
N PRO A 28 -30.04 5.50 -1.77
CA PRO A 28 -30.36 6.33 -0.59
C PRO A 28 -30.01 7.82 -0.78
N GLN A 29 -30.82 8.68 -0.18
CA GLN A 29 -30.62 10.12 -0.31
C GLN A 29 -29.39 10.54 0.49
N GLU A 30 -29.12 9.78 1.54
CA GLU A 30 -27.95 9.92 2.40
C GLU A 30 -26.64 9.90 1.61
N LEU A 31 -26.57 8.94 0.68
CA LEU A 31 -25.41 8.70 -0.16
C LEU A 31 -25.33 9.72 -1.27
N ILE A 32 -26.50 10.13 -1.76
CA ILE A 32 -26.58 11.11 -2.83
C ILE A 32 -26.02 12.45 -2.37
N GLU A 33 -26.24 12.77 -1.10
CA GLU A 33 -25.66 13.98 -0.52
C GLU A 33 -24.13 13.92 -0.56
N LYS A 34 -23.58 12.71 -0.45
CA LYS A 34 -22.11 12.54 -0.41
C LYS A 34 -21.53 12.63 -1.79
N ILE A 35 -22.26 12.04 -2.75
CA ILE A 35 -21.86 12.09 -4.14
C ILE A 35 -21.75 13.53 -4.61
N LYS A 36 -22.63 14.40 -4.10
CA LYS A 36 -22.57 15.82 -4.44
C LYS A 36 -21.18 16.39 -4.15
N LEU A 37 -20.58 15.98 -3.03
CA LEU A 37 -19.25 16.46 -2.64
C LEU A 37 -18.22 16.35 -3.76
N ILE A 38 -18.31 15.29 -4.56
CA ILE A 38 -17.33 15.06 -5.62
C ILE A 38 -17.88 15.18 -7.06
N SER A 39 -19.00 15.88 -7.21
CA SER A 39 -19.63 16.08 -8.53
C SER A 39 -18.96 17.20 -9.29
N PRO A 40 -18.97 17.13 -10.63
CA PRO A 40 -18.40 18.24 -11.39
C PRO A 40 -18.94 19.59 -10.93
N GLY A 41 -18.00 20.53 -10.75
CA GLY A 41 -18.34 21.86 -10.29
C GLY A 41 -17.73 22.17 -8.93
N THR A 42 -17.52 21.16 -8.11
CA THR A 42 -16.89 21.36 -6.80
C THR A 42 -15.38 21.48 -6.90
N GLU A 43 -14.80 22.27 -5.99
CA GLU A 43 -13.35 22.37 -5.90
C GLU A 43 -12.71 21.01 -5.61
N LEU A 44 -13.39 20.18 -4.83
CA LEU A 44 -12.87 18.84 -4.54
C LEU A 44 -12.79 17.99 -5.80
N ARG A 45 -13.84 18.01 -6.60
CA ARG A 45 -13.85 17.25 -7.83
C ARG A 45 -12.75 17.75 -8.76
N LYS A 46 -12.56 19.06 -8.78
CA LYS A 46 -11.52 19.67 -9.60
C LYS A 46 -10.14 19.11 -9.18
N ALA A 47 -9.86 19.08 -7.88
CA ALA A 47 -8.61 18.49 -7.39
C ALA A 47 -8.48 17.04 -7.85
N LEU A 48 -9.56 16.28 -7.73
CA LEU A 48 -9.51 14.84 -8.01
C LEU A 48 -9.30 14.62 -9.49
N ASP A 49 -9.80 15.52 -10.33
CA ASP A 49 -9.58 15.39 -11.77
C ASP A 49 -8.10 15.59 -12.06
N ASP A 50 -7.51 16.61 -11.43
CA ASP A 50 -6.07 16.85 -11.57
C ASP A 50 -5.27 15.63 -11.10
N ILE A 51 -5.64 15.09 -9.95
CA ILE A 51 -4.96 13.92 -9.41
C ILE A 51 -5.08 12.74 -10.36
N ILE A 52 -6.29 12.48 -10.86
CA ILE A 52 -6.46 11.40 -11.85
C ILE A 52 -5.60 11.69 -13.08
N ASN A 53 -5.62 12.92 -13.53
CA ASN A 53 -4.87 13.29 -14.72
C ASN A 53 -3.36 13.07 -14.55
N ALA A 54 -2.87 13.21 -13.32
CA ALA A 54 -1.43 13.07 -13.05
C ALA A 54 -1.05 11.66 -12.64
N ASN A 55 -2.03 10.75 -12.58
CA ASN A 55 -1.79 9.38 -12.13
C ASN A 55 -1.17 9.28 -10.74
N PHE A 56 -1.38 10.31 -9.93
CA PHE A 56 -1.16 10.16 -8.50
C PHE A 56 -2.33 9.29 -8.02
N GLY A 57 -2.19 8.63 -6.89
CA GLY A 57 -3.37 8.00 -6.34
C GLY A 57 -3.93 8.92 -5.29
N ALA A 58 -5.01 8.50 -4.64
CA ALA A 58 -5.54 9.27 -3.53
C ALA A 58 -6.29 8.36 -2.62
N LEU A 59 -6.23 8.68 -1.33
CA LEU A 59 -6.98 8.02 -0.28
C LEU A 59 -7.37 9.11 0.70
N ILE A 60 -8.65 9.45 0.73
CA ILE A 60 -9.11 10.65 1.46
C ILE A 60 -10.23 10.31 2.43
N PHE A 61 -10.12 10.84 3.65
CA PHE A 61 -10.93 10.45 4.79
C PHE A 61 -11.64 11.71 5.29
N LEU A 62 -12.97 11.70 5.27
CA LEU A 62 -13.76 12.88 5.65
C LEU A 62 -14.30 12.77 7.07
N VAL A 63 -13.84 13.64 7.96
CA VAL A 63 -14.27 13.62 9.36
C VAL A 63 -14.65 15.01 9.83
N ASP A 64 -15.32 15.11 10.97
CA ASP A 64 -15.65 16.41 11.52
C ASP A 64 -14.86 16.68 12.80
N ASP A 65 -14.54 15.62 13.53
CA ASP A 65 -13.68 15.77 14.70
C ASP A 65 -12.52 14.78 14.64
N PRO A 66 -11.37 15.24 14.13
CA PRO A 66 -10.16 14.42 13.96
C PRO A 66 -9.76 13.70 15.24
N LYS A 67 -9.91 14.39 16.38
CA LYS A 67 -9.54 13.84 17.69
C LYS A 67 -10.27 12.53 17.98
N LYS A 68 -11.56 12.50 17.63
CA LYS A 68 -12.38 11.32 17.85
C LYS A 68 -11.86 10.11 17.07
N TYR A 69 -11.15 10.37 15.98
CA TYR A 69 -10.71 9.29 15.11
C TYR A 69 -9.19 9.13 15.11
N GLU A 70 -8.56 9.56 16.19
CA GLU A 70 -7.09 9.54 16.24
C GLU A 70 -6.54 8.11 16.34
N ASP A 71 -7.39 7.15 16.65
CA ASP A 71 -6.95 5.76 16.73
C ASP A 71 -6.88 5.10 15.35
N VAL A 72 -7.57 5.65 14.35
CA VAL A 72 -7.45 5.11 13.00
C VAL A 72 -6.49 5.95 12.14
N ILE A 73 -6.00 7.03 12.73
CA ILE A 73 -5.06 7.92 12.03
C ILE A 73 -3.66 7.85 12.66
N GLN A 74 -2.67 7.39 11.90
CA GLN A 74 -1.30 7.30 12.41
C GLN A 74 -0.31 8.04 11.54
N GLY A 75 0.68 8.65 12.18
CA GLY A 75 1.76 9.32 11.48
C GLY A 75 1.32 10.53 10.67
N GLY A 76 2.09 10.86 9.64
CA GLY A 76 1.73 11.93 8.73
C GLY A 76 1.99 13.30 9.32
N PHE A 77 1.37 14.31 8.74
CA PHE A 77 1.58 15.69 9.18
C PHE A 77 0.27 16.30 9.60
N TRP A 78 0.26 16.93 10.78
CA TRP A 78 -0.87 17.73 11.20
C TRP A 78 -0.83 19.07 10.48
N LEU A 79 -1.85 19.39 9.69
CA LEU A 79 -1.86 20.61 8.88
C LEU A 79 -2.81 21.68 9.39
N ASP A 80 -4.06 21.28 9.64
CA ASP A 80 -5.12 22.14 10.11
C ASP A 80 -5.23 23.47 9.32
N THR A 81 -5.28 23.36 8.01
CA THR A 81 -5.28 24.56 7.18
C THR A 81 -6.49 24.58 6.23
N ASP A 82 -6.80 25.74 5.69
CA ASP A 82 -7.94 25.89 4.78
C ASP A 82 -7.78 25.01 3.56
N PHE A 83 -8.88 24.40 3.14
CA PHE A 83 -8.88 23.59 1.93
C PHE A 83 -8.66 24.44 0.69
N SER A 84 -7.94 23.91 -0.28
CA SER A 84 -8.06 24.38 -1.65
C SER A 84 -7.74 23.20 -2.56
N ALA A 85 -8.15 23.29 -3.82
CA ALA A 85 -7.90 22.21 -4.77
C ALA A 85 -6.41 22.01 -5.01
N GLU A 86 -5.69 23.13 -5.07
CA GLU A 86 -4.27 23.10 -5.38
C GLU A 86 -3.51 22.46 -4.22
N LYS A 87 -3.90 22.80 -3.00
CA LYS A 87 -3.29 22.18 -1.82
C LYS A 87 -3.53 20.67 -1.81
N LEU A 88 -4.75 20.25 -2.12
CA LEU A 88 -5.05 18.82 -2.13
C LEU A 88 -4.22 18.09 -3.18
N TYR A 89 -4.13 18.71 -4.36
CA TYR A 89 -3.33 18.20 -5.45
C TYR A 89 -1.85 18.00 -5.03
N GLU A 90 -1.28 19.00 -4.33
CA GLU A 90 0.13 18.97 -3.94
C GLU A 90 0.36 17.85 -2.93
N LEU A 91 -0.46 17.82 -1.90
CA LEU A 91 -0.40 16.81 -0.86
C LEU A 91 -0.51 15.38 -1.36
N SER A 92 -1.24 15.22 -2.45
CA SER A 92 -1.53 13.88 -2.92
C SER A 92 -0.32 13.32 -3.62
N LYS A 93 0.66 14.18 -3.90
CA LYS A 93 1.96 13.70 -4.40
C LYS A 93 2.69 12.81 -3.38
N MET A 94 2.38 12.96 -2.10
CA MET A 94 2.98 12.18 -1.02
C MET A 94 2.31 10.82 -0.87
N ASN A 95 2.98 9.88 -0.21
CA ASN A 95 2.38 8.57 0.09
C ASN A 95 1.25 8.65 1.13
N GLY A 96 0.41 7.63 1.19
CA GLY A 96 -0.53 7.53 2.29
C GLY A 96 -1.80 8.34 2.09
N ALA A 97 -2.41 8.78 3.20
CA ALA A 97 -3.74 9.37 3.12
C ALA A 97 -3.83 10.81 3.63
N ILE A 98 -4.96 11.42 3.27
CA ILE A 98 -5.29 12.80 3.58
C ILE A 98 -6.61 12.83 4.34
N VAL A 99 -6.74 13.71 5.32
CA VAL A 99 -7.94 13.79 6.14
C VAL A 99 -8.49 15.19 6.05
N LEU A 100 -9.71 15.31 5.55
CA LEU A 100 -10.38 16.60 5.39
C LEU A 100 -11.60 16.66 6.30
N SER A 101 -12.05 17.87 6.59
CA SER A 101 -13.33 18.02 7.27
C SER A 101 -14.48 17.60 6.34
N GLU A 102 -15.59 17.21 6.94
CA GLU A 102 -16.75 16.73 6.17
C GLU A 102 -17.30 17.80 5.24
N ASP A 103 -17.22 19.06 5.66
CA ASP A 103 -17.67 20.15 4.80
C ASP A 103 -16.62 20.57 3.77
N ILE A 104 -15.49 19.86 3.74
CA ILE A 104 -14.44 20.08 2.76
C ILE A 104 -13.94 21.55 2.81
N THR A 105 -13.86 22.07 4.03
CA THR A 105 -13.35 23.41 4.25
C THR A 105 -11.97 23.41 4.93
N LYS A 106 -11.57 22.27 5.50
CA LYS A 106 -10.26 22.18 6.15
C LYS A 106 -9.50 20.94 5.69
N ILE A 107 -8.18 21.07 5.56
CA ILE A 107 -7.32 19.91 5.42
C ILE A 107 -6.71 19.66 6.80
N TYR A 108 -6.94 18.48 7.37
CA TYR A 108 -6.50 18.20 8.73
C TYR A 108 -5.14 17.51 8.79
N TYR A 109 -4.98 16.47 7.97
CA TYR A 109 -3.78 15.64 7.93
C TYR A 109 -3.39 15.34 6.49
N ALA A 110 -2.10 15.12 6.28
CA ALA A 110 -1.64 14.52 5.03
C ALA A 110 -0.62 13.41 5.35
N ASN A 111 -0.35 12.55 4.37
CA ASN A 111 0.66 11.51 4.50
C ASN A 111 0.42 10.59 5.71
N VAL A 112 -0.84 10.31 6.06
CA VAL A 112 -1.09 9.47 7.23
C VAL A 112 -1.28 8.02 6.85
N HIS A 113 -1.17 7.16 7.85
CA HIS A 113 -1.43 5.74 7.69
C HIS A 113 -2.81 5.47 8.29
N LEU A 114 -3.74 4.95 7.49
CA LEU A 114 -5.07 4.67 8.01
C LEU A 114 -5.14 3.24 8.47
N VAL A 115 -5.61 3.00 9.69
CA VAL A 115 -5.60 1.65 10.22
C VAL A 115 -6.97 1.17 10.70
N PRO A 116 -7.92 0.96 9.78
CA PRO A 116 -9.20 0.40 10.21
C PRO A 116 -9.06 -1.05 10.67
N ASP A 117 -10.06 -1.55 11.37
CA ASP A 117 -10.10 -2.93 11.88
C ASP A 117 -9.95 -3.92 10.73
N PRO A 118 -8.86 -4.71 10.72
CA PRO A 118 -8.58 -5.67 9.64
C PRO A 118 -9.62 -6.81 9.52
N THR A 119 -10.45 -6.99 10.54
CA THR A 119 -11.41 -8.08 10.54
C THR A 119 -12.72 -7.72 9.83
N ILE A 120 -12.86 -6.46 9.43
CA ILE A 120 -14.07 -6.03 8.74
C ILE A 120 -14.07 -6.55 7.31
N PRO A 121 -15.16 -7.23 6.93
CA PRO A 121 -15.27 -7.82 5.59
C PRO A 121 -15.14 -6.76 4.51
N THR A 122 -14.48 -7.13 3.43
CA THR A 122 -14.38 -6.29 2.26
C THR A 122 -14.20 -7.15 1.01
N GLY A 123 -14.76 -6.70 -0.10
CA GLY A 123 -14.64 -7.43 -1.35
C GLY A 123 -13.81 -6.65 -2.34
N GLU A 124 -13.14 -5.62 -1.85
CA GLU A 124 -12.29 -4.80 -2.68
C GLU A 124 -10.93 -5.46 -2.86
N THR A 125 -10.15 -4.89 -3.78
CA THR A 125 -8.86 -5.43 -4.18
C THR A 125 -7.81 -4.37 -3.96
N GLY A 126 -6.63 -4.80 -3.55
CA GLY A 126 -5.54 -3.87 -3.30
C GLY A 126 -5.70 -3.23 -1.93
N THR A 127 -4.60 -2.82 -1.31
CA THR A 127 -4.67 -2.26 0.03
C THR A 127 -5.46 -0.97 0.09
N ARG A 128 -5.30 -0.13 -0.92
CA ARG A 128 -5.93 1.20 -0.90
C ARG A 128 -7.43 1.11 -0.76
N HIS A 129 -8.05 0.25 -1.57
CA HIS A 129 -9.51 0.18 -1.63
C HIS A 129 -10.07 -0.70 -0.52
N ARG A 130 -9.28 -1.67 -0.05
CA ARG A 130 -9.70 -2.46 1.09
C ARG A 130 -9.72 -1.61 2.37
N THR A 131 -8.73 -0.72 2.51
CA THR A 131 -8.66 0.22 3.62
C THR A 131 -9.85 1.19 3.56
N ALA A 132 -10.10 1.71 2.37
CA ALA A 132 -11.17 2.68 2.20
C ALA A 132 -12.51 2.10 2.65
N GLU A 133 -12.85 0.91 2.18
CA GLU A 133 -14.16 0.33 2.51
C GLU A 133 -14.28 -0.10 3.98
N ARG A 134 -13.21 -0.66 4.52
CA ARG A 134 -13.17 -0.99 5.94
C ARG A 134 -13.31 0.28 6.78
N LEU A 135 -12.54 1.31 6.44
CA LEU A 135 -12.59 2.52 7.24
C LEU A 135 -13.97 3.18 7.21
N ALA A 136 -14.64 3.17 6.06
CA ALA A 136 -15.98 3.77 5.96
C ALA A 136 -17.00 2.97 6.76
N LYS A 137 -16.91 1.65 6.66
CA LYS A 137 -17.77 0.77 7.43
C LYS A 137 -17.56 0.99 8.92
N GLN A 138 -16.30 1.08 9.32
CA GLN A 138 -15.97 1.20 10.75
C GLN A 138 -16.43 2.51 11.40
N THR A 139 -16.35 3.61 10.67
CA THR A 139 -16.53 4.93 11.26
C THR A 139 -17.83 5.61 10.87
N GLY A 140 -18.45 5.12 9.81
CA GLY A 140 -19.66 5.75 9.31
C GLY A 140 -19.37 7.03 8.57
N LYS A 141 -18.13 7.20 8.13
CA LYS A 141 -17.71 8.39 7.40
C LYS A 141 -17.42 8.08 5.93
N VAL A 142 -17.26 9.13 5.16
CA VAL A 142 -16.88 9.00 3.76
C VAL A 142 -15.37 8.75 3.60
N VAL A 143 -15.01 7.80 2.75
CA VAL A 143 -13.63 7.63 2.31
C VAL A 143 -13.58 7.56 0.79
N ILE A 144 -12.68 8.32 0.18
CA ILE A 144 -12.51 8.34 -1.28
C ILE A 144 -11.22 7.67 -1.72
N ALA A 145 -11.28 6.67 -2.60
CA ALA A 145 -10.04 6.13 -3.15
C ALA A 145 -9.93 6.34 -4.65
N VAL A 146 -8.75 6.79 -5.06
CA VAL A 146 -8.32 6.84 -6.44
C VAL A 146 -7.05 6.02 -6.55
N SER A 147 -7.03 5.03 -7.44
CA SER A 147 -5.80 4.30 -7.70
C SER A 147 -5.06 4.98 -8.84
N ARG A 148 -3.78 4.67 -8.98
CA ARG A 148 -2.91 5.37 -9.92
C ARG A 148 -3.19 5.09 -11.40
N ARG A 149 -3.61 3.88 -11.73
CA ARG A 149 -3.72 3.49 -13.14
C ARG A 149 -5.14 3.56 -13.71
N ARG A 150 -6.16 3.57 -12.86
CA ARG A 150 -7.53 3.73 -13.32
C ARG A 150 -7.98 5.19 -13.20
N ASN A 151 -9.08 5.53 -13.85
CA ASN A 151 -9.53 6.91 -13.86
C ASN A 151 -10.87 7.08 -13.17
N ILE A 152 -11.21 6.14 -12.30
CA ILE A 152 -12.45 6.25 -11.54
C ILE A 152 -12.20 6.76 -10.13
N ILE A 153 -13.22 7.42 -9.59
CA ILE A 153 -13.24 7.81 -8.20
C ILE A 153 -14.16 6.87 -7.44
N SER A 154 -13.63 6.13 -6.47
CA SER A 154 -14.47 5.27 -5.65
C SER A 154 -14.84 5.92 -4.34
N LEU A 155 -16.14 6.14 -4.12
CA LEU A 155 -16.60 6.71 -2.86
C LEU A 155 -17.21 5.65 -1.94
N TYR A 156 -16.82 5.68 -0.67
CA TYR A 156 -17.35 4.76 0.31
C TYR A 156 -17.96 5.57 1.43
N TYR A 157 -19.17 5.21 1.86
CA TYR A 157 -19.82 5.98 2.92
C TYR A 157 -20.09 5.16 4.17
N LYS A 158 -21.07 4.27 4.14
CA LYS A 158 -21.18 3.38 5.29
C LYS A 158 -20.95 1.93 4.91
N ASN A 159 -22.00 1.30 4.42
CA ASN A 159 -21.89 0.01 3.77
C ASN A 159 -22.12 0.26 2.29
N TYR A 160 -22.01 1.53 1.89
CA TYR A 160 -22.20 1.86 0.48
C TYR A 160 -20.89 2.05 -0.26
N LYS A 161 -20.91 1.65 -1.52
CA LYS A 161 -19.86 1.98 -2.47
C LYS A 161 -20.51 2.59 -3.71
N TYR A 162 -20.04 3.75 -4.12
CA TYR A 162 -20.47 4.35 -5.36
C TYR A 162 -19.26 4.75 -6.20
N VAL A 163 -19.12 4.16 -7.38
CA VAL A 163 -18.13 4.57 -8.36
C VAL A 163 -18.56 5.80 -9.18
N VAL A 164 -17.76 6.85 -9.11
CA VAL A 164 -18.06 8.06 -9.87
C VAL A 164 -17.24 8.13 -11.16
N ASN A 165 -17.93 8.32 -12.28
CA ASN A 165 -17.29 8.33 -13.58
C ASN A 165 -16.80 9.68 -14.05
N GLN A 166 -15.87 9.66 -14.99
CA GLN A 166 -15.40 10.84 -15.69
C GLN A 166 -16.53 11.41 -16.53
N VAL A 167 -16.48 12.72 -16.76
CA VAL A 167 -17.53 13.42 -17.48
C VAL A 167 -17.66 12.91 -18.90
N ASP A 168 -16.53 12.57 -19.52
CA ASP A 168 -16.56 12.18 -20.93
C ASP A 168 -17.30 10.85 -21.11
N PHE A 169 -17.14 9.96 -20.15
CA PHE A 169 -17.92 8.72 -20.18
C PHE A 169 -19.42 9.03 -20.03
N LEU A 170 -19.75 9.97 -19.15
CA LEU A 170 -21.13 10.28 -18.82
C LEU A 170 -21.84 11.05 -19.96
N ILE A 171 -21.13 12.03 -20.52
CA ILE A 171 -21.63 12.75 -21.67
C ILE A 171 -21.93 11.77 -22.80
N SER A 172 -21.09 10.77 -22.97
CA SER A 172 -21.34 9.82 -24.05
C SER A 172 -22.68 9.09 -23.87
N LYS A 173 -22.90 8.49 -22.70
CA LYS A 173 -24.15 7.75 -22.44
C LYS A 173 -25.37 8.67 -22.51
N VAL A 174 -25.24 9.86 -21.93
CA VAL A 174 -26.32 10.83 -21.86
C VAL A 174 -26.68 11.37 -23.25
N THR A 175 -25.67 11.62 -24.07
CA THR A 175 -25.90 12.08 -25.43
C THR A 175 -26.64 11.00 -26.21
N GLN A 176 -26.27 9.75 -26.01
CA GLN A 176 -26.98 8.63 -26.62
C GLN A 176 -28.40 8.52 -26.11
N ALA A 177 -28.59 8.73 -24.80
CA ALA A 177 -29.90 8.58 -24.20
C ALA A 177 -30.87 9.64 -24.80
N ILE A 178 -30.35 10.85 -24.92
CA ILE A 178 -31.07 11.96 -25.50
C ILE A 178 -31.44 11.68 -26.95
N SER A 179 -30.49 11.20 -27.75
CA SER A 179 -30.77 10.81 -29.13
C SER A 179 -31.86 9.76 -29.18
N THR A 180 -31.85 8.87 -28.21
CA THR A 180 -32.86 7.82 -28.15
C THR A 180 -34.21 8.43 -27.80
N LEU A 181 -34.20 9.34 -26.84
CA LEU A 181 -35.40 10.03 -26.47
C LEU A 181 -36.01 10.80 -27.65
N GLU A 182 -35.18 11.42 -28.49
CA GLU A 182 -35.67 12.11 -29.65
C GLU A 182 -36.48 11.19 -30.54
N LYS A 183 -36.00 9.95 -30.72
CA LYS A 183 -36.68 9.02 -31.61
C LYS A 183 -37.99 8.53 -31.01
N TYR A 184 -38.01 8.34 -29.69
CA TYR A 184 -39.23 7.98 -29.01
C TYR A 184 -40.23 9.12 -29.06
N LYS A 185 -39.76 10.34 -28.86
CA LYS A 185 -40.63 11.48 -28.86
C LYS A 185 -41.27 11.70 -30.25
N ASP A 186 -40.49 11.57 -31.32
CA ASP A 186 -41.04 11.72 -32.68
C ASP A 186 -42.12 10.67 -32.91
N ASN A 187 -41.85 9.42 -32.55
CA ASN A 187 -42.88 8.39 -32.72
C ASN A 187 -44.13 8.70 -31.88
N PHE A 188 -43.92 9.26 -30.69
CA PHE A 188 -45.02 9.64 -29.81
C PHE A 188 -45.88 10.73 -30.44
N ASN A 189 -45.23 11.69 -31.08
CA ASN A 189 -45.96 12.79 -31.72
C ASN A 189 -46.77 12.27 -32.90
N LYS A 190 -46.22 11.33 -33.65
CA LYS A 190 -46.94 10.72 -34.77
C LYS A 190 -48.18 9.95 -34.27
N LEU A 191 -48.01 9.18 -33.21
CA LEU A 191 -49.10 8.41 -32.66
C LEU A 191 -50.20 9.33 -32.22
N LEU A 192 -49.80 10.41 -31.57
CA LEU A 192 -50.73 11.36 -30.99
C LEU A 192 -51.48 12.12 -32.06
N SER A 193 -50.80 12.56 -33.10
CA SER A 193 -51.48 13.34 -34.11
C SER A 193 -52.52 12.43 -34.83
N GLU A 194 -52.18 11.17 -35.08
CA GLU A 194 -53.18 10.22 -35.61
C GLU A 194 -54.32 10.04 -34.62
N LEU A 195 -54.00 9.83 -33.34
CA LEU A 195 -55.01 9.70 -32.29
C LEU A 195 -56.00 10.88 -32.29
N GLU A 196 -55.45 12.08 -32.40
CA GLU A 196 -56.22 13.31 -32.46
C GLU A 196 -57.30 13.22 -33.53
N VAL A 197 -56.88 12.85 -34.73
CA VAL A 197 -57.77 12.73 -35.86
C VAL A 197 -58.88 11.77 -35.51
N LEU A 198 -58.50 10.59 -35.04
CA LEU A 198 -59.47 9.60 -34.61
C LEU A 198 -60.39 10.12 -33.50
N GLU A 199 -59.82 10.86 -32.58
CA GLU A 199 -60.58 11.38 -31.47
C GLU A 199 -61.65 12.31 -31.99
N LEU A 200 -61.27 13.21 -32.89
CA LEU A 200 -62.17 14.24 -33.39
C LEU A 200 -63.27 13.66 -34.26
N GLU A 201 -62.95 12.56 -34.94
CA GLU A 201 -63.96 11.87 -35.76
C GLU A 201 -64.69 10.79 -34.95
N ASN A 202 -64.39 10.70 -33.65
CA ASN A 202 -64.99 9.68 -32.78
C ASN A 202 -64.79 8.24 -33.28
N ARG A 203 -63.64 7.96 -33.91
CA ARG A 203 -63.36 6.60 -34.37
C ARG A 203 -62.23 5.89 -33.61
N VAL A 204 -61.99 6.26 -32.36
CA VAL A 204 -60.87 5.69 -31.61
C VAL A 204 -61.12 4.25 -31.17
N THR A 205 -60.11 3.39 -31.30
CA THR A 205 -60.18 2.06 -30.71
C THR A 205 -59.16 1.95 -29.58
N LEU A 206 -59.34 0.96 -28.71
CA LEU A 206 -58.48 0.77 -27.55
C LEU A 206 -57.03 0.60 -27.98
N ALA A 207 -56.81 -0.10 -29.10
CA ALA A 207 -55.47 -0.30 -29.64
C ALA A 207 -54.77 1.05 -29.84
N ASP A 208 -55.50 2.01 -30.39
CA ASP A 208 -54.96 3.33 -30.67
C ASP A 208 -54.52 4.02 -29.38
N VAL A 209 -55.34 3.95 -28.34
CA VAL A 209 -55.01 4.54 -27.05
C VAL A 209 -53.79 3.86 -26.43
N VAL A 210 -53.87 2.55 -26.31
CA VAL A 210 -52.83 1.78 -25.65
C VAL A 210 -51.48 1.97 -26.33
N ARG A 211 -51.48 1.96 -27.66
CA ARG A 211 -50.26 2.15 -28.44
CA ARG A 211 -50.25 2.13 -28.42
C ARG A 211 -49.63 3.49 -28.10
N THR A 212 -50.48 4.51 -27.95
CA THR A 212 -50.00 5.86 -27.65
C THR A 212 -49.50 5.95 -26.22
N LEU A 213 -50.25 5.40 -25.27
CA LEU A 213 -49.79 5.37 -23.88
C LEU A 213 -48.45 4.62 -23.72
N ALA A 214 -48.36 3.44 -24.31
CA ALA A 214 -47.15 2.62 -24.21
C ALA A 214 -45.91 3.42 -24.61
N LYS A 215 -45.98 4.08 -25.76
CA LYS A 215 -44.85 4.84 -26.27
C LYS A 215 -44.50 5.97 -25.33
N GLY A 216 -45.53 6.63 -24.78
CA GLY A 216 -45.34 7.63 -23.76
C GLY A 216 -44.69 7.08 -22.49
N PHE A 217 -45.18 5.93 -22.02
CA PHE A 217 -44.63 5.31 -20.83
C PHE A 217 -43.15 4.95 -21.01
N GLU A 218 -42.83 4.28 -22.11
CA GLU A 218 -41.46 3.92 -22.44
C GLU A 218 -40.51 5.12 -22.50
N LEU A 219 -40.95 6.19 -23.16
CA LEU A 219 -40.20 7.44 -23.25
C LEU A 219 -39.79 7.99 -21.88
N LEU A 220 -40.74 8.01 -20.94
CA LEU A 220 -40.46 8.57 -19.64
C LEU A 220 -39.68 7.60 -18.77
N ARG A 221 -39.75 6.30 -19.09
CA ARG A 221 -38.89 5.31 -18.46
C ARG A 221 -37.43 5.62 -18.75
N ILE A 222 -37.15 5.91 -20.02
CA ILE A 222 -35.79 6.22 -20.46
C ILE A 222 -35.29 7.42 -19.70
N VAL A 223 -36.16 8.40 -19.48
CA VAL A 223 -35.80 9.57 -18.69
C VAL A 223 -35.41 9.15 -17.27
N GLU A 224 -36.23 8.30 -16.66
CA GLU A 224 -35.97 7.85 -15.30
C GLU A 224 -34.65 7.09 -15.20
N GLU A 225 -34.31 6.35 -16.24
CA GLU A 225 -33.12 5.52 -16.18
C GLU A 225 -31.86 6.33 -16.36
N ILE A 226 -31.95 7.47 -17.04
CA ILE A 226 -30.77 8.27 -17.33
C ILE A 226 -30.54 9.29 -16.23
N ARG A 227 -31.55 9.47 -15.39
CA ARG A 227 -31.45 10.43 -14.30
C ARG A 227 -30.19 10.29 -13.42
N PRO A 228 -29.82 9.06 -13.00
CA PRO A 228 -28.58 8.96 -12.20
C PRO A 228 -27.35 9.48 -12.94
N TYR A 229 -27.25 9.22 -14.24
CA TYR A 229 -26.17 9.78 -15.05
C TYR A 229 -26.21 11.30 -15.00
N ILE A 230 -27.40 11.87 -15.18
CA ILE A 230 -27.53 13.31 -15.18
C ILE A 230 -27.03 13.90 -13.86
N VAL A 231 -27.39 13.26 -12.76
CA VAL A 231 -27.01 13.75 -11.46
C VAL A 231 -25.47 13.70 -11.30
N GLU A 232 -24.87 12.55 -11.60
CA GLU A 232 -23.40 12.41 -11.60
C GLU A 232 -22.69 13.50 -12.38
N LEU A 233 -23.36 14.09 -13.37
CA LEU A 233 -22.67 15.08 -14.21
C LEU A 233 -22.54 16.45 -13.54
N GLY A 234 -23.33 16.67 -12.51
CA GLY A 234 -23.31 17.93 -11.78
C GLY A 234 -23.44 19.13 -12.69
N GLU A 235 -22.54 20.10 -12.52
CA GLU A 235 -22.58 21.32 -13.34
C GLU A 235 -22.43 21.02 -14.82
N GLU A 236 -21.82 19.89 -15.15
CA GLU A 236 -21.65 19.54 -16.55
C GLU A 236 -22.92 18.89 -17.15
N GLY A 237 -23.97 18.75 -16.34
CA GLY A 237 -25.22 18.17 -16.78
C GLY A 237 -26.29 19.21 -17.10
N ARG A 238 -25.89 20.48 -17.08
CA ARG A 238 -26.83 21.57 -17.26
C ARG A 238 -27.52 21.54 -18.63
N LEU A 239 -26.73 21.49 -19.71
CA LEU A 239 -27.32 21.39 -21.04
C LEU A 239 -28.13 20.12 -21.17
N ALA A 240 -27.66 19.02 -20.58
CA ALA A 240 -28.41 17.77 -20.67
C ALA A 240 -29.80 17.90 -20.02
N ARG A 241 -29.91 18.61 -18.90
CA ARG A 241 -31.19 18.74 -18.21
C ARG A 241 -32.15 19.58 -19.06
N MET A 242 -31.61 20.61 -19.69
CA MET A 242 -32.40 21.48 -20.54
C MET A 242 -32.99 20.68 -21.68
N GLN A 243 -32.17 19.83 -22.30
CA GLN A 243 -32.65 18.97 -23.36
C GLN A 243 -33.74 18.03 -22.90
N LEU A 244 -33.61 17.44 -21.71
CA LEU A 244 -34.63 16.53 -21.21
C LEU A 244 -35.93 17.28 -21.01
N ARG A 245 -35.81 18.47 -20.44
CA ARG A 245 -36.96 19.27 -20.11
C ARG A 245 -37.72 19.63 -21.41
N GLU A 246 -37.02 20.05 -22.45
CA GLU A 246 -37.63 20.40 -23.72
C GLU A 246 -38.32 19.23 -24.42
N LEU A 247 -37.69 18.06 -24.38
CA LEU A 247 -38.26 16.86 -24.98
C LEU A 247 -39.43 16.26 -24.21
N THR A 248 -39.51 16.49 -22.91
CA THR A 248 -40.55 15.82 -22.11
C THR A 248 -41.57 16.78 -21.51
N GLU A 249 -41.45 18.06 -21.85
CA GLU A 249 -42.15 19.17 -21.20
C GLU A 249 -43.54 18.81 -20.73
N ASP A 250 -44.44 18.58 -21.68
CA ASP A 250 -45.83 18.35 -21.32
C ASP A 250 -46.27 16.89 -21.42
N VAL A 251 -45.32 15.96 -21.50
CA VAL A 251 -45.68 14.58 -21.81
C VAL A 251 -46.44 13.90 -20.66
N ASP A 252 -46.03 14.17 -19.42
CA ASP A 252 -46.71 13.58 -18.27
C ASP A 252 -48.17 14.04 -18.17
N ASP A 253 -48.41 15.35 -18.25
CA ASP A 253 -49.77 15.89 -18.24
C ASP A 253 -50.60 15.26 -19.35
N LEU A 254 -50.02 15.21 -20.54
CA LEU A 254 -50.65 14.62 -21.69
C LEU A 254 -51.09 13.17 -21.45
N LEU A 255 -50.22 12.37 -20.83
CA LEU A 255 -50.57 10.98 -20.59
C LEU A 255 -51.64 10.85 -19.51
N VAL A 256 -51.60 11.74 -18.53
CA VAL A 256 -52.58 11.72 -17.46
C VAL A 256 -53.95 12.04 -18.08
N LEU A 257 -53.99 13.04 -18.94
CA LEU A 257 -55.25 13.41 -19.57
C LEU A 257 -55.79 12.28 -20.44
N LEU A 258 -54.92 11.59 -21.17
CA LEU A 258 -55.34 10.43 -21.97
C LEU A 258 -55.98 9.33 -21.13
N ILE A 259 -55.35 9.02 -20.00
CA ILE A 259 -55.87 8.05 -19.03
C ILE A 259 -57.26 8.45 -18.49
N MET A 260 -57.43 9.73 -18.15
CA MET A 260 -58.72 10.25 -17.70
C MET A 260 -59.77 10.19 -18.80
N ASP A 261 -59.31 10.30 -20.04
CA ASP A 261 -60.24 10.33 -21.17
C ASP A 261 -60.67 8.94 -21.61
N TYR A 262 -59.85 7.94 -21.34
CA TYR A 262 -60.05 6.64 -21.98
C TYR A 262 -60.15 5.46 -21.04
N SER A 263 -59.98 5.70 -19.73
CA SER A 263 -60.16 4.61 -18.78
C SER A 263 -61.59 4.09 -18.83
N SER A 264 -61.79 2.83 -18.46
CA SER A 264 -63.10 2.19 -18.59
C SER A 264 -64.18 2.96 -17.84
N GLU A 265 -63.92 3.29 -16.58
CA GLU A 265 -64.80 4.14 -15.82
C GLU A 265 -64.06 5.40 -15.36
N GLU A 266 -64.81 6.46 -15.07
CA GLU A 266 -64.26 7.77 -14.74
C GLU A 266 -63.20 7.70 -13.63
N VAL A 267 -62.18 8.53 -13.78
CA VAL A 267 -61.01 8.48 -12.92
C VAL A 267 -60.53 9.89 -12.54
N GLU A 268 -60.25 10.09 -11.25
CA GLU A 268 -59.78 11.38 -10.76
C GLU A 268 -58.34 11.61 -11.22
N GLU A 269 -57.94 12.88 -11.29
CA GLU A 269 -56.61 13.21 -11.79
C GLU A 269 -55.49 12.50 -11.04
N GLU A 270 -55.51 12.57 -9.71
CA GLU A 270 -54.40 12.02 -8.93
C GLU A 270 -54.34 10.50 -9.09
N THR A 271 -55.49 9.90 -9.35
CA THR A 271 -55.55 8.48 -9.65
C THR A 271 -54.78 8.18 -10.94
N ALA A 272 -55.14 8.89 -12.00
CA ALA A 272 -54.47 8.76 -13.30
C ALA A 272 -52.97 9.03 -13.16
N GLN A 273 -52.62 9.98 -12.29
CA GLN A 273 -51.22 10.29 -12.01
C GLN A 273 -50.47 9.08 -11.47
N ASN A 274 -51.15 8.30 -10.64
CA ASN A 274 -50.56 7.09 -10.05
C ASN A 274 -50.42 5.98 -11.06
N ILE A 275 -51.40 5.85 -11.95
CA ILE A 275 -51.30 4.88 -13.02
C ILE A 275 -50.08 5.20 -13.90
N LEU A 276 -49.87 6.49 -14.15
CA LEU A 276 -48.65 6.91 -14.82
C LEU A 276 -47.40 6.47 -14.03
N GLN A 277 -47.40 6.79 -12.74
CA GLN A 277 -46.29 6.44 -11.85
C GLN A 277 -46.00 4.94 -11.90
N ASP A 278 -47.05 4.14 -11.82
CA ASP A 278 -46.93 2.70 -11.89
C ASP A 278 -46.23 2.21 -13.17
N PHE A 279 -46.62 2.76 -14.33
CA PHE A 279 -46.12 2.24 -15.61
C PHE A 279 -44.76 2.80 -15.96
N ILE A 280 -44.39 3.88 -15.30
CA ILE A 280 -43.05 4.44 -15.43
C ILE A 280 -42.02 3.67 -14.59
N THR A 281 -42.43 3.16 -13.44
CA THR A 281 -41.47 2.61 -12.49
C THR A 281 -41.62 1.10 -12.25
N ARG A 282 -42.81 0.66 -11.80
CA ARG A 282 -42.96 -0.71 -11.31
C ARG A 282 -43.52 -1.72 -12.33
N ARG A 283 -44.46 -1.31 -13.17
CA ARG A 283 -45.07 -2.24 -14.11
C ARG A 283 -44.55 -2.06 -15.55
N GLU A 284 -44.60 -3.15 -16.32
CA GLU A 284 -44.18 -3.13 -17.71
C GLU A 284 -45.33 -2.69 -18.62
N PRO A 285 -45.05 -1.71 -19.49
CA PRO A 285 -46.11 -1.12 -20.32
C PRO A 285 -46.48 -1.97 -21.54
N SER A 286 -46.75 -3.26 -21.32
CA SER A 286 -47.27 -4.11 -22.38
C SER A 286 -48.73 -3.73 -22.68
N PRO A 287 -49.15 -3.92 -23.94
CA PRO A 287 -50.48 -3.49 -24.37
C PRO A 287 -51.62 -4.08 -23.54
N ILE A 288 -51.54 -5.36 -23.21
CA ILE A 288 -52.59 -5.98 -22.40
C ILE A 288 -52.57 -5.41 -20.99
N SER A 289 -51.37 -5.24 -20.43
CA SER A 289 -51.24 -4.74 -19.07
C SER A 289 -51.85 -3.33 -18.93
N ILE A 290 -51.57 -2.47 -19.90
CA ILE A 290 -52.10 -1.11 -19.90
C ILE A 290 -53.61 -1.12 -20.01
N SER A 291 -54.12 -1.87 -20.95
CA SER A 291 -55.54 -1.81 -21.20
C SER A 291 -56.28 -2.48 -20.05
N ARG A 292 -55.64 -3.44 -19.38
CA ARG A 292 -56.24 -4.07 -18.22
C ARG A 292 -56.38 -3.08 -17.07
N VAL A 293 -55.32 -2.37 -16.77
CA VAL A 293 -55.34 -1.41 -15.67
C VAL A 293 -56.20 -0.19 -16.02
N LEU A 294 -56.42 0.05 -17.31
CA LEU A 294 -57.40 1.07 -17.68
C LEU A 294 -58.83 0.58 -17.45
N GLY A 295 -58.97 -0.70 -17.11
CA GLY A 295 -60.25 -1.25 -16.70
C GLY A 295 -60.93 -2.13 -17.73
N TYR A 296 -60.21 -2.44 -18.80
CA TYR A 296 -60.76 -3.31 -19.85
C TYR A 296 -60.35 -4.77 -19.66
N ASP A 297 -61.30 -5.67 -19.89
CA ASP A 297 -61.10 -7.10 -19.66
C ASP A 297 -60.77 -7.85 -20.95
N VAL A 298 -59.56 -7.64 -21.43
CA VAL A 298 -59.02 -8.30 -22.61
C VAL A 298 -57.80 -9.11 -22.15
N GLN A 299 -57.44 -10.18 -22.86
CA GLN A 299 -56.19 -10.88 -22.53
C GLN A 299 -55.42 -11.25 -23.79
N GLN A 300 -55.97 -10.92 -24.95
CA GLN A 300 -55.28 -11.15 -26.22
C GLN A 300 -55.12 -9.82 -26.95
N ALA A 301 -53.88 -9.52 -27.36
CA ALA A 301 -53.54 -8.22 -27.96
C ALA A 301 -54.41 -7.88 -29.16
N ALA A 302 -54.85 -8.90 -29.89
CA ALA A 302 -55.66 -8.68 -31.10
C ALA A 302 -57.06 -8.15 -30.77
N GLN A 303 -57.48 -8.27 -29.52
CA GLN A 303 -58.82 -7.83 -29.12
C GLN A 303 -58.93 -6.31 -29.13
N LEU A 304 -57.82 -5.64 -28.83
CA LEU A 304 -57.79 -4.18 -28.67
C LEU A 304 -58.32 -3.46 -29.90
N ASP A 305 -58.13 -4.06 -31.07
CA ASP A 305 -58.57 -3.44 -32.31
C ASP A 305 -60.09 -3.42 -32.43
N ASP A 306 -60.76 -4.26 -31.65
CA ASP A 306 -62.20 -4.40 -31.76
C ASP A 306 -62.93 -3.65 -30.65
N VAL A 307 -62.19 -3.03 -29.74
CA VAL A 307 -62.82 -2.29 -28.67
C VAL A 307 -62.92 -0.79 -28.95
N LEU A 308 -64.14 -0.32 -29.15
CA LEU A 308 -64.40 1.09 -29.46
C LEU A 308 -64.49 1.94 -28.20
N VAL A 309 -63.76 3.06 -28.20
CA VAL A 309 -63.73 3.97 -27.07
C VAL A 309 -63.97 5.40 -27.48
N SER A 310 -64.48 6.20 -26.56
CA SER A 310 -64.79 7.59 -26.82
C SER A 310 -64.24 8.47 -25.72
N ALA A 311 -63.44 9.45 -26.11
CA ALA A 311 -62.79 10.29 -25.13
C ALA A 311 -63.81 11.06 -24.33
N ARG A 312 -63.55 11.13 -23.02
CA ARG A 312 -64.32 11.94 -22.08
C ARG A 312 -64.24 13.42 -22.45
N GLY A 313 -63.05 13.86 -22.89
CA GLY A 313 -62.85 15.23 -23.32
C GLY A 313 -61.91 16.07 -22.45
N TYR A 314 -61.35 15.46 -21.41
CA TYR A 314 -60.48 16.21 -20.52
C TYR A 314 -59.28 16.81 -21.28
N ARG A 315 -58.68 16.02 -22.17
CA ARG A 315 -57.46 16.47 -22.85
C ARG A 315 -57.73 17.75 -23.65
N LEU A 316 -58.80 17.73 -24.43
CA LEU A 316 -59.11 18.86 -25.26
C LEU A 316 -59.55 20.06 -24.42
N LEU A 317 -60.28 19.79 -23.34
CA LEU A 317 -60.77 20.85 -22.47
C LEU A 317 -59.62 21.61 -21.78
N LYS A 318 -58.71 20.88 -21.13
CA LYS A 318 -57.60 21.52 -20.42
C LYS A 318 -56.59 22.11 -21.38
N THR A 319 -56.21 21.34 -22.38
CA THR A 319 -55.06 21.70 -23.22
C THR A 319 -55.38 22.74 -24.28
N VAL A 320 -56.53 22.60 -24.92
CA VAL A 320 -56.89 23.50 -26.01
C VAL A 320 -57.86 24.60 -25.60
N ALA A 321 -58.89 24.27 -24.82
CA ALA A 321 -59.85 25.29 -24.42
C ALA A 321 -59.43 25.97 -23.12
N ARG A 322 -58.35 25.48 -22.54
CA ARG A 322 -57.74 26.08 -21.35
C ARG A 322 -58.70 26.09 -20.16
N ILE A 323 -59.59 25.09 -20.15
CA ILE A 323 -60.52 24.92 -19.04
C ILE A 323 -59.86 24.14 -17.91
N PRO A 324 -59.77 24.75 -16.71
CA PRO A 324 -59.17 24.07 -15.54
C PRO A 324 -59.85 22.74 -15.22
N LEU A 325 -59.06 21.75 -14.84
CA LEU A 325 -59.57 20.40 -14.54
C LEU A 325 -60.77 20.42 -13.60
N SER A 326 -60.66 21.16 -12.51
CA SER A 326 -61.73 21.27 -11.53
C SER A 326 -63.09 21.57 -12.17
N ILE A 327 -63.06 22.40 -13.21
CA ILE A 327 -64.28 22.81 -13.90
C ILE A 327 -64.64 21.82 -15.03
N GLY A 328 -63.62 21.24 -15.65
CA GLY A 328 -63.80 20.25 -16.69
C GLY A 328 -64.59 19.05 -16.19
N TYR A 329 -64.33 18.66 -14.94
CA TYR A 329 -65.15 17.65 -14.25
C TYR A 329 -66.66 17.90 -14.47
N ASN A 330 -67.12 19.11 -14.15
CA ASN A 330 -68.53 19.46 -14.37
C ASN A 330 -68.93 19.35 -15.83
N VAL A 331 -68.00 19.65 -16.75
CA VAL A 331 -68.34 19.61 -18.16
C VAL A 331 -68.48 18.16 -18.59
N VAL A 332 -67.60 17.31 -18.07
CA VAL A 332 -67.69 15.90 -18.38
C VAL A 332 -68.89 15.29 -17.63
N ARG A 333 -69.14 15.74 -16.41
CA ARG A 333 -70.33 15.38 -15.65
C ARG A 333 -71.60 15.49 -16.50
N MET A 334 -71.72 16.60 -17.21
CA MET A 334 -72.93 16.88 -17.96
C MET A 334 -72.98 16.21 -19.34
N PHE A 335 -71.90 16.28 -20.10
CA PHE A 335 -71.94 15.82 -21.49
C PHE A 335 -71.32 14.45 -21.70
N LYS A 336 -70.58 13.98 -20.69
CA LYS A 336 -69.99 12.63 -20.69
C LYS A 336 -68.81 12.45 -21.65
N THR A 337 -69.02 12.77 -22.94
CA THR A 337 -67.97 12.51 -23.93
C THR A 337 -67.68 13.72 -24.80
N LEU A 338 -66.46 13.76 -25.35
CA LEU A 338 -66.02 14.82 -26.25
C LEU A 338 -67.00 15.00 -27.41
N ASP A 339 -67.47 13.89 -27.96
CA ASP A 339 -68.35 13.96 -29.12
C ASP A 339 -69.57 14.81 -28.79
N GLN A 340 -70.15 14.61 -27.62
CA GLN A 340 -71.33 15.37 -27.20
C GLN A 340 -70.99 16.82 -26.88
N ILE A 341 -69.81 17.03 -26.28
CA ILE A 341 -69.34 18.40 -26.05
C ILE A 341 -69.20 19.16 -27.37
N SER A 342 -68.80 18.46 -28.42
CA SER A 342 -68.55 19.11 -29.70
C SER A 342 -69.88 19.46 -30.38
N LYS A 343 -70.96 18.88 -29.88
CA LYS A 343 -72.28 19.16 -30.44
C LYS A 343 -72.97 20.28 -29.67
N ALA A 344 -72.51 20.57 -28.46
CA ALA A 344 -73.15 21.57 -27.63
C ALA A 344 -72.99 22.99 -28.19
N SER A 345 -74.05 23.79 -28.06
CA SER A 345 -74.00 25.19 -28.45
C SER A 345 -73.45 25.97 -27.28
N VAL A 346 -73.10 27.23 -27.51
CA VAL A 346 -72.56 28.06 -26.43
C VAL A 346 -73.51 28.09 -25.23
N GLU A 347 -74.79 28.32 -25.51
CA GLU A 347 -75.80 28.35 -24.46
C GLU A 347 -75.90 27.03 -23.72
N ASP A 348 -75.93 25.92 -24.46
CA ASP A 348 -75.86 24.58 -23.89
C ASP A 348 -74.72 24.46 -22.85
N LEU A 349 -73.51 24.84 -23.27
CA LEU A 349 -72.34 24.73 -22.42
C LEU A 349 -72.46 25.61 -21.19
N LYS A 350 -73.18 26.73 -21.33
CA LYS A 350 -73.21 27.77 -20.32
C LYS A 350 -73.93 27.32 -19.06
N LYS A 351 -74.69 26.24 -19.18
CA LYS A 351 -75.42 25.67 -18.03
C LYS A 351 -74.49 24.99 -17.02
N VAL A 352 -73.26 24.73 -17.41
CA VAL A 352 -72.32 24.03 -16.56
C VAL A 352 -71.85 24.95 -15.43
N GLU A 353 -71.58 24.36 -14.26
CA GLU A 353 -71.09 25.12 -13.13
C GLU A 353 -69.65 25.54 -13.40
N GLY A 354 -69.47 26.77 -13.87
CA GLY A 354 -68.15 27.31 -14.09
C GLY A 354 -67.97 27.89 -15.48
N ILE A 355 -68.94 27.68 -16.36
CA ILE A 355 -68.80 28.11 -17.74
C ILE A 355 -69.63 29.37 -18.01
N GLY A 356 -68.92 30.49 -18.12
CA GLY A 356 -69.52 31.74 -18.57
C GLY A 356 -69.29 31.86 -20.07
N GLU A 357 -69.84 32.89 -20.71
CA GLU A 357 -69.75 33.05 -22.15
C GLU A 357 -68.29 32.98 -22.66
N LYS A 358 -67.34 33.42 -21.82
CA LYS A 358 -65.91 33.36 -22.16
C LYS A 358 -65.46 31.92 -22.36
N ARG A 359 -65.69 31.09 -21.33
CA ARG A 359 -65.24 29.71 -21.37
C ARG A 359 -66.09 28.88 -22.32
N ALA A 360 -67.30 29.34 -22.59
CA ALA A 360 -68.22 28.61 -23.44
C ALA A 360 -67.84 28.77 -24.90
N ARG A 361 -67.41 29.96 -25.27
CA ARG A 361 -66.97 30.18 -26.64
C ARG A 361 -65.59 29.55 -26.79
N ALA A 362 -64.78 29.59 -25.75
CA ALA A 362 -63.48 28.94 -25.79
C ALA A 362 -63.64 27.46 -26.13
N ILE A 363 -64.60 26.81 -25.47
CA ILE A 363 -64.81 25.38 -25.67
C ILE A 363 -65.34 25.13 -27.06
N SER A 364 -66.44 25.80 -27.36
CA SER A 364 -67.09 25.70 -28.66
C SER A 364 -66.16 25.99 -29.83
N GLU A 365 -65.50 27.14 -29.80
CA GLU A 365 -64.72 27.56 -30.96
C GLU A 365 -63.45 26.72 -31.13
N SER A 366 -62.81 26.34 -30.04
CA SER A 366 -61.56 25.61 -30.18
C SER A 366 -61.80 24.19 -30.72
N ILE A 367 -62.89 23.55 -30.32
CA ILE A 367 -63.19 22.24 -30.88
C ILE A 367 -63.48 22.35 -32.37
N SER A 368 -64.35 23.28 -32.75
CA SER A 368 -64.78 23.40 -34.16
C SER A 368 -63.60 23.80 -35.05
N SER A 369 -62.81 24.76 -34.60
CA SER A 369 -61.54 25.10 -35.27
C SER A 369 -60.70 23.84 -35.55
N LEU A 370 -60.55 23.01 -34.52
CA LEU A 370 -59.76 21.80 -34.64
C LEU A 370 -60.37 20.83 -35.66
N LYS A 371 -61.68 20.60 -35.56
CA LYS A 371 -62.38 19.74 -36.51
C LYS A 371 -62.15 20.19 -37.94
N HIS A 372 -62.26 21.51 -38.16
CA HIS A 372 -62.06 22.07 -39.49
C HIS A 372 -60.66 21.77 -40.03
N ARG A 373 -59.63 22.11 -39.27
CA ARG A 373 -58.25 22.02 -39.75
C ARG A 373 -57.72 20.58 -39.81
N LYS A 374 -58.23 19.71 -38.92
CA LYS A 374 -57.63 18.39 -38.77
C LYS A 374 -58.44 17.29 -39.45
N THR A 375 -59.76 17.43 -39.50
CA THR A 375 -60.59 16.36 -40.05
C THR A 375 -61.38 16.83 -41.26
N VAL B 27 24.89 -8.66 17.83
CA VAL B 27 23.90 -9.19 16.88
C VAL B 27 23.65 -10.68 17.13
N PRO B 28 22.59 -11.00 17.87
CA PRO B 28 22.24 -12.36 18.32
C PRO B 28 22.36 -13.42 17.22
N GLN B 29 22.84 -14.61 17.60
CA GLN B 29 23.04 -15.72 16.69
C GLN B 29 21.73 -16.11 15.95
N GLU B 30 20.62 -16.01 16.68
CA GLU B 30 19.27 -16.25 16.18
C GLU B 30 18.92 -15.43 14.93
N LEU B 31 19.29 -14.16 14.96
CA LEU B 31 19.10 -13.26 13.84
C LEU B 31 20.09 -13.53 12.70
N ILE B 32 21.29 -13.95 13.06
CA ILE B 32 22.33 -14.22 12.06
C ILE B 32 21.93 -15.38 11.17
N GLU B 33 21.32 -16.40 11.76
CA GLU B 33 20.80 -17.52 10.99
C GLU B 33 19.82 -17.01 9.92
N LYS B 34 18.91 -16.12 10.32
CA LYS B 34 17.91 -15.58 9.39
C LYS B 34 18.57 -14.74 8.29
N ILE B 35 19.60 -13.97 8.64
CA ILE B 35 20.31 -13.17 7.68
C ILE B 35 20.98 -14.04 6.62
N LYS B 36 21.44 -15.21 7.02
CA LYS B 36 21.99 -16.18 6.07
C LYS B 36 20.99 -16.52 4.96
N LEU B 37 19.70 -16.54 5.31
CA LEU B 37 18.66 -16.88 4.33
C LEU B 37 18.73 -15.96 3.11
N ILE B 38 19.12 -14.71 3.31
CA ILE B 38 19.15 -13.74 2.22
C ILE B 38 20.54 -13.22 1.86
N SER B 39 21.56 -14.01 2.18
CA SER B 39 22.95 -13.64 1.90
C SER B 39 23.35 -14.10 0.49
N PRO B 40 24.29 -13.38 -0.13
CA PRO B 40 24.68 -13.72 -1.49
C PRO B 40 25.09 -15.17 -1.60
N GLY B 41 24.59 -15.85 -2.62
CA GLY B 41 24.83 -17.26 -2.77
C GLY B 41 23.51 -18.02 -2.72
N THR B 42 22.60 -17.60 -1.86
CA THR B 42 21.31 -18.30 -1.79
C THR B 42 20.41 -17.92 -2.96
N GLU B 43 19.59 -18.86 -3.38
CA GLU B 43 18.59 -18.63 -4.41
C GLU B 43 17.61 -17.52 -4.04
N LEU B 44 17.24 -17.43 -2.76
CA LEU B 44 16.36 -16.36 -2.33
C LEU B 44 16.99 -15.00 -2.61
N ARG B 45 18.28 -14.86 -2.30
CA ARG B 45 18.96 -13.58 -2.51
C ARG B 45 19.11 -13.27 -4.00
N LYS B 46 19.30 -14.30 -4.81
CA LYS B 46 19.38 -14.11 -6.25
C LYS B 46 18.05 -13.56 -6.80
N ALA B 47 16.94 -14.01 -6.22
CA ALA B 47 15.64 -13.52 -6.63
C ALA B 47 15.42 -12.08 -6.15
N LEU B 48 15.77 -11.81 -4.89
CA LEU B 48 15.65 -10.45 -4.37
C LEU B 48 16.50 -9.47 -5.17
N ASP B 49 17.68 -9.91 -5.59
CA ASP B 49 18.54 -9.08 -6.45
C ASP B 49 17.84 -8.68 -7.75
N ASP B 50 17.20 -9.64 -8.41
CA ASP B 50 16.49 -9.36 -9.66
C ASP B 50 15.34 -8.41 -9.39
N ILE B 51 14.66 -8.66 -8.28
CA ILE B 51 13.48 -7.89 -7.91
C ILE B 51 13.87 -6.45 -7.64
N ILE B 52 15.00 -6.27 -6.96
CA ILE B 52 15.53 -4.94 -6.72
C ILE B 52 15.89 -4.23 -8.02
N ASN B 53 16.57 -4.94 -8.89
CA ASN B 53 16.96 -4.44 -10.18
C ASN B 53 15.76 -4.09 -11.12
N ALA B 54 14.64 -4.78 -10.98
CA ALA B 54 13.48 -4.49 -11.87
C ALA B 54 12.61 -3.38 -11.27
N ASN B 55 12.89 -3.03 -10.02
CA ASN B 55 12.17 -1.98 -9.28
C ASN B 55 10.79 -2.43 -8.89
N PHE B 56 10.58 -3.74 -8.92
CA PHE B 56 9.44 -4.30 -8.22
C PHE B 56 9.81 -4.13 -6.74
N GLY B 57 8.82 -4.03 -5.88
CA GLY B 57 9.09 -4.08 -4.46
C GLY B 57 8.87 -5.53 -4.09
N ALA B 58 8.94 -5.83 -2.80
CA ALA B 58 8.64 -7.17 -2.32
C ALA B 58 8.22 -7.08 -0.87
N LEU B 59 7.41 -8.02 -0.46
CA LEU B 59 6.97 -8.15 0.92
C LEU B 59 6.78 -9.63 1.11
N ILE B 60 7.64 -10.24 1.92
CA ILE B 60 7.69 -11.69 1.99
C ILE B 60 7.61 -12.17 3.43
N PHE B 61 6.72 -13.13 3.64
CA PHE B 61 6.37 -13.66 4.95
C PHE B 61 6.85 -15.10 4.96
N LEU B 62 7.61 -15.47 6.00
CA LEU B 62 8.18 -16.81 6.13
C LEU B 62 7.48 -17.60 7.22
N VAL B 63 6.72 -18.63 6.85
CA VAL B 63 6.05 -19.47 7.86
C VAL B 63 6.09 -20.93 7.46
N ASP B 64 6.15 -21.81 8.44
CA ASP B 64 6.09 -23.25 8.15
C ASP B 64 4.67 -23.79 8.17
N ASP B 65 3.80 -23.22 9.00
CA ASP B 65 2.41 -23.69 9.07
C ASP B 65 1.43 -22.60 8.66
N PRO B 66 1.15 -22.51 7.34
CA PRO B 66 0.37 -21.42 6.75
C PRO B 66 -1.03 -21.33 7.33
N LYS B 67 -1.66 -22.46 7.59
CA LYS B 67 -3.08 -22.42 7.93
C LYS B 67 -3.30 -21.98 9.38
N LYS B 68 -2.21 -21.84 10.14
CA LYS B 68 -2.29 -21.27 11.49
C LYS B 68 -2.21 -19.73 11.45
N TYR B 69 -1.68 -19.20 10.36
CA TYR B 69 -1.58 -17.76 10.19
C TYR B 69 -2.67 -17.23 9.27
N GLU B 70 -3.75 -18.00 9.17
CA GLU B 70 -4.88 -17.66 8.31
C GLU B 70 -5.47 -16.28 8.65
N ASP B 71 -5.35 -15.87 9.91
CA ASP B 71 -5.92 -14.60 10.35
C ASP B 71 -5.16 -13.38 9.84
N VAL B 72 -3.86 -13.53 9.58
CA VAL B 72 -3.05 -12.39 9.11
C VAL B 72 -2.82 -12.42 7.59
N ILE B 73 -3.31 -13.45 6.94
CA ILE B 73 -3.18 -13.57 5.49
C ILE B 73 -4.54 -13.56 4.84
N GLN B 74 -4.84 -12.53 4.05
CA GLN B 74 -6.11 -12.45 3.36
C GLN B 74 -5.94 -12.43 1.83
N GLY B 75 -6.86 -13.08 1.13
CA GLY B 75 -6.90 -12.97 -0.32
C GLY B 75 -5.78 -13.72 -0.99
N GLY B 76 -5.33 -13.21 -2.13
CA GLY B 76 -4.22 -13.81 -2.85
C GLY B 76 -4.53 -15.17 -3.41
N PHE B 77 -3.50 -15.84 -3.91
CA PHE B 77 -3.65 -17.17 -4.49
C PHE B 77 -2.90 -18.19 -3.63
N TRP B 78 -3.53 -19.33 -3.36
CA TRP B 78 -2.88 -20.45 -2.69
C TRP B 78 -2.13 -21.26 -3.74
N LEU B 79 -0.81 -21.39 -3.58
CA LEU B 79 0.04 -22.00 -4.60
C LEU B 79 0.60 -23.35 -4.16
N ASP B 80 1.16 -23.39 -2.94
CA ASP B 80 1.74 -24.60 -2.38
C ASP B 80 2.66 -25.28 -3.37
N THR B 81 3.61 -24.54 -3.92
CA THR B 81 4.47 -25.06 -4.97
C THR B 81 5.94 -24.93 -4.55
N ASP B 82 6.79 -25.77 -5.11
CA ASP B 82 8.22 -25.74 -4.78
C ASP B 82 8.86 -24.42 -5.18
N PHE B 83 9.68 -23.88 -4.29
CA PHE B 83 10.34 -22.59 -4.49
C PHE B 83 11.34 -22.60 -5.64
N SER B 84 11.48 -21.46 -6.30
CA SER B 84 12.66 -21.16 -7.12
C SER B 84 12.80 -19.65 -7.22
N ALA B 85 14.01 -19.17 -7.52
CA ALA B 85 14.22 -17.74 -7.66
C ALA B 85 13.31 -17.14 -8.75
N GLU B 86 13.16 -17.86 -9.85
CA GLU B 86 12.42 -17.33 -10.98
C GLU B 86 10.91 -17.25 -10.70
N LYS B 87 10.38 -18.26 -10.03
CA LYS B 87 9.00 -18.22 -9.58
C LYS B 87 8.75 -17.02 -8.68
N LEU B 88 9.66 -16.77 -7.75
CA LEU B 88 9.47 -15.69 -6.80
C LEU B 88 9.49 -14.34 -7.49
N TYR B 89 10.41 -14.20 -8.44
CA TYR B 89 10.55 -12.98 -9.21
C TYR B 89 9.26 -12.68 -9.97
N GLU B 90 8.77 -13.70 -10.67
CA GLU B 90 7.56 -13.59 -11.45
C GLU B 90 6.36 -13.18 -10.58
N LEU B 91 6.17 -13.84 -9.45
CA LEU B 91 5.08 -13.53 -8.52
C LEU B 91 5.20 -12.14 -7.92
N SER B 92 6.42 -11.63 -7.76
CA SER B 92 6.62 -10.32 -7.16
C SER B 92 6.14 -9.18 -8.07
N LYS B 93 5.93 -9.49 -9.35
CA LYS B 93 5.29 -8.56 -10.28
C LYS B 93 3.87 -8.21 -9.84
N MET B 94 3.20 -9.13 -9.15
CA MET B 94 1.85 -8.89 -8.68
C MET B 94 1.86 -7.96 -7.45
N ASN B 95 0.68 -7.50 -7.05
CA ASN B 95 0.59 -6.59 -5.93
C ASN B 95 0.63 -7.36 -4.61
N GLY B 96 0.86 -6.67 -3.50
CA GLY B 96 0.76 -7.30 -2.20
C GLY B 96 1.94 -8.22 -1.87
N ALA B 97 1.71 -9.17 -0.96
CA ALA B 97 2.77 -9.94 -0.34
C ALA B 97 2.83 -11.39 -0.77
N ILE B 98 3.95 -12.02 -0.44
CA ILE B 98 4.24 -13.41 -0.77
C ILE B 98 4.53 -14.19 0.53
N VAL B 99 4.15 -15.46 0.56
CA VAL B 99 4.30 -16.27 1.74
C VAL B 99 5.09 -17.51 1.35
N LEU B 100 6.25 -17.69 1.99
CA LEU B 100 7.12 -18.84 1.78
C LEU B 100 7.28 -19.65 3.06
N SER B 101 7.74 -20.89 2.92
CA SER B 101 8.13 -21.70 4.08
C SER B 101 9.42 -21.18 4.69
N GLU B 102 9.60 -21.39 5.99
CA GLU B 102 10.74 -20.84 6.74
C GLU B 102 12.08 -21.28 6.18
N ASP B 103 12.12 -22.48 5.60
CA ASP B 103 13.35 -22.99 4.99
C ASP B 103 13.47 -22.66 3.51
N ILE B 104 12.60 -21.77 3.04
CA ILE B 104 12.57 -21.35 1.64
C ILE B 104 12.50 -22.51 0.64
N THR B 105 11.69 -23.53 0.94
CA THR B 105 11.52 -24.64 0.00
C THR B 105 10.17 -24.56 -0.72
N LYS B 106 9.16 -23.99 -0.07
CA LYS B 106 7.82 -23.86 -0.67
C LYS B 106 7.42 -22.40 -0.87
N ILE B 107 6.66 -22.15 -1.93
CA ILE B 107 5.91 -20.91 -2.05
C ILE B 107 4.45 -21.22 -1.70
N TYR B 108 3.94 -20.60 -0.65
CA TYR B 108 2.59 -20.92 -0.17
C TYR B 108 1.52 -20.02 -0.79
N TYR B 109 1.74 -18.70 -0.71
CA TYR B 109 0.83 -17.69 -1.25
C TYR B 109 1.55 -16.63 -2.08
N ALA B 110 0.82 -16.02 -3.01
CA ALA B 110 1.23 -14.80 -3.69
C ALA B 110 0.04 -13.81 -3.72
N ASN B 111 0.30 -12.52 -3.92
CA ASN B 111 -0.74 -11.50 -4.05
C ASN B 111 -1.62 -11.35 -2.78
N VAL B 112 -1.07 -11.65 -1.61
CA VAL B 112 -1.89 -11.58 -0.40
C VAL B 112 -1.86 -10.22 0.28
N HIS B 113 -2.86 -10.01 1.13
CA HIS B 113 -2.93 -8.82 1.95
C HIS B 113 -2.62 -9.22 3.38
N LEU B 114 -1.53 -8.70 3.91
CA LEU B 114 -1.11 -9.01 5.28
C LEU B 114 -1.71 -8.02 6.24
N VAL B 115 -2.37 -8.52 7.28
CA VAL B 115 -3.11 -7.64 8.18
C VAL B 115 -2.71 -7.80 9.66
N PRO B 116 -1.47 -7.42 10.01
CA PRO B 116 -1.04 -7.51 11.41
C PRO B 116 -1.82 -6.54 12.27
N ASP B 117 -1.78 -6.72 13.59
CA ASP B 117 -2.46 -5.84 14.52
C ASP B 117 -1.95 -4.39 14.39
N PRO B 118 -2.85 -3.44 14.06
CA PRO B 118 -2.50 -2.04 13.83
C PRO B 118 -2.01 -1.31 15.07
N THR B 119 -2.17 -1.94 16.23
CA THR B 119 -1.86 -1.28 17.49
C THR B 119 -0.44 -1.58 17.98
N ILE B 120 0.26 -2.43 17.25
CA ILE B 120 1.63 -2.74 17.62
C ILE B 120 2.52 -1.56 17.24
N PRO B 121 3.33 -1.08 18.19
CA PRO B 121 4.16 0.10 17.90
C PRO B 121 5.17 -0.17 16.79
N THR B 122 5.35 0.82 15.91
CA THR B 122 6.32 0.66 14.85
C THR B 122 7.04 1.96 14.59
N GLY B 123 8.32 1.86 14.23
CA GLY B 123 9.13 3.03 13.94
C GLY B 123 9.25 3.26 12.44
N GLU B 124 8.80 2.29 11.66
CA GLU B 124 8.96 2.33 10.21
C GLU B 124 8.10 3.38 9.54
N THR B 125 8.41 3.64 8.27
CA THR B 125 7.71 4.60 7.42
C THR B 125 7.15 3.88 6.20
N GLY B 126 5.93 4.20 5.80
CA GLY B 126 5.34 3.57 4.63
C GLY B 126 4.55 2.34 5.03
N THR B 127 3.50 2.02 4.29
CA THR B 127 2.65 0.89 4.67
C THR B 127 3.44 -0.41 4.62
N ARG B 128 4.32 -0.53 3.63
CA ARG B 128 5.05 -1.79 3.44
C ARG B 128 5.91 -2.16 4.64
N HIS B 129 6.75 -1.22 5.08
CA HIS B 129 7.68 -1.48 6.16
C HIS B 129 6.99 -1.47 7.51
N ARG B 130 5.98 -0.61 7.68
CA ARG B 130 5.21 -0.65 8.92
C ARG B 130 4.48 -1.98 9.07
N THR B 131 3.99 -2.53 7.96
CA THR B 131 3.38 -3.85 7.98
C THR B 131 4.40 -4.91 8.40
N ALA B 132 5.56 -4.90 7.74
CA ALA B 132 6.58 -5.92 7.95
C ALA B 132 7.00 -6.00 9.40
N GLU B 133 7.27 -4.85 9.99
CA GLU B 133 7.69 -4.81 11.38
C GLU B 133 6.60 -5.33 12.29
N ARG B 134 5.37 -4.85 12.10
CA ARG B 134 4.28 -5.24 12.99
C ARG B 134 4.02 -6.74 12.91
N LEU B 135 4.04 -7.28 11.70
CA LEU B 135 3.81 -8.71 11.52
C LEU B 135 4.94 -9.54 12.14
N ALA B 136 6.17 -9.09 11.93
CA ALA B 136 7.32 -9.77 12.54
C ALA B 136 7.19 -9.81 14.07
N LYS B 137 6.78 -8.69 14.66
CA LYS B 137 6.60 -8.64 16.11
C LYS B 137 5.44 -9.50 16.54
N GLN B 138 4.39 -9.57 15.72
CA GLN B 138 3.19 -10.28 16.12
C GLN B 138 3.38 -11.81 16.12
N THR B 139 4.21 -12.31 15.21
CA THR B 139 4.25 -13.74 14.90
C THR B 139 5.57 -14.41 15.24
N GLY B 140 6.61 -13.60 15.47
CA GLY B 140 7.93 -14.11 15.75
C GLY B 140 8.62 -14.70 14.53
N LYS B 141 8.10 -14.37 13.35
CA LYS B 141 8.62 -14.92 12.09
C LYS B 141 9.40 -13.86 11.32
N VAL B 142 10.14 -14.30 10.30
CA VAL B 142 10.81 -13.36 9.41
C VAL B 142 9.83 -12.70 8.44
N VAL B 143 9.95 -11.38 8.29
CA VAL B 143 9.29 -10.67 7.21
C VAL B 143 10.28 -9.79 6.45
N ILE B 144 10.33 -9.97 5.13
CA ILE B 144 11.24 -9.21 4.28
C ILE B 144 10.52 -8.16 3.44
N ALA B 145 11.05 -6.94 3.46
CA ALA B 145 10.48 -5.83 2.73
C ALA B 145 11.54 -5.15 1.88
N VAL B 146 11.19 -4.95 0.61
CA VAL B 146 11.98 -4.17 -0.34
C VAL B 146 11.07 -3.09 -0.94
N SER B 147 11.46 -1.83 -0.77
CA SER B 147 10.68 -0.75 -1.35
C SER B 147 11.06 -0.62 -2.82
N ARG B 148 10.19 0.00 -3.60
CA ARG B 148 10.38 0.00 -5.04
C ARG B 148 11.57 0.83 -5.52
N ARG B 149 11.91 1.92 -4.84
CA ARG B 149 13.00 2.76 -5.37
C ARG B 149 14.30 2.69 -4.59
N ARG B 150 14.31 2.02 -3.43
CA ARG B 150 15.55 1.86 -2.66
C ARG B 150 16.15 0.47 -2.93
N ASN B 151 17.46 0.33 -2.79
CA ASN B 151 18.06 -0.95 -3.14
C ASN B 151 18.44 -1.80 -1.94
N ILE B 152 17.93 -1.46 -0.77
CA ILE B 152 18.23 -2.31 0.39
C ILE B 152 17.15 -3.33 0.67
N ILE B 153 17.54 -4.39 1.37
CA ILE B 153 16.62 -5.40 1.84
C ILE B 153 16.48 -5.24 3.35
N SER B 154 15.26 -4.99 3.82
CA SER B 154 15.07 -4.89 5.25
C SER B 154 14.44 -6.17 5.78
N LEU B 155 15.12 -6.79 6.74
CA LEU B 155 14.66 -8.02 7.37
C LEU B 155 14.20 -7.74 8.80
N TYR B 156 12.99 -8.17 9.11
CA TYR B 156 12.40 -8.04 10.43
C TYR B 156 12.23 -9.45 10.95
N TYR B 157 12.53 -9.69 12.21
CA TYR B 157 12.42 -11.08 12.69
C TYR B 157 11.52 -11.11 13.91
N LYS B 158 11.99 -10.62 15.04
CA LYS B 158 11.06 -10.47 16.15
C LYS B 158 10.90 -9.02 16.50
N ASN B 159 11.71 -8.57 17.44
CA ASN B 159 11.88 -7.15 17.63
C ASN B 159 13.13 -6.67 16.96
N TYR B 160 13.73 -7.54 16.15
CA TYR B 160 14.93 -7.18 15.41
C TYR B 160 14.63 -6.58 14.06
N LYS B 161 15.45 -5.61 13.66
CA LYS B 161 15.49 -5.12 12.28
C LYS B 161 16.91 -5.14 11.75
N TYR B 162 17.14 -5.83 10.64
CA TYR B 162 18.47 -5.83 10.04
C TYR B 162 18.41 -5.41 8.57
N VAL B 163 19.14 -4.36 8.23
CA VAL B 163 19.29 -3.95 6.84
C VAL B 163 20.43 -4.70 6.16
N VAL B 164 20.11 -5.37 5.06
CA VAL B 164 21.11 -6.09 4.29
C VAL B 164 21.44 -5.29 3.05
N ASN B 165 22.73 -5.03 2.86
CA ASN B 165 23.18 -4.14 1.82
C ASN B 165 23.59 -4.84 0.53
N GLN B 166 23.63 -4.06 -0.54
CA GLN B 166 24.04 -4.55 -1.85
C GLN B 166 25.52 -4.91 -1.79
N VAL B 167 25.93 -5.83 -2.67
CA VAL B 167 27.28 -6.34 -2.62
C VAL B 167 28.31 -5.26 -2.96
N ASP B 168 28.01 -4.40 -3.92
CA ASP B 168 28.99 -3.39 -4.31
C ASP B 168 29.33 -2.46 -3.14
N PHE B 169 28.34 -2.17 -2.32
CA PHE B 169 28.54 -1.37 -1.12
C PHE B 169 29.42 -2.13 -0.11
N LEU B 170 29.13 -3.40 0.08
CA LEU B 170 29.87 -4.17 1.07
C LEU B 170 31.33 -4.37 0.65
N ILE B 171 31.53 -4.70 -0.62
CA ILE B 171 32.87 -4.92 -1.20
C ILE B 171 33.73 -3.65 -1.12
N SER B 172 33.11 -2.50 -1.31
CA SER B 172 33.84 -1.25 -1.18
C SER B 172 34.36 -1.06 0.25
N LYS B 173 33.50 -1.30 1.24
CA LYS B 173 33.93 -1.11 2.64
C LYS B 173 35.00 -2.12 3.01
N VAL B 174 34.78 -3.37 2.60
CA VAL B 174 35.70 -4.45 2.90
C VAL B 174 37.04 -4.22 2.20
N THR B 175 37.00 -3.78 0.95
CA THR B 175 38.24 -3.52 0.25
C THR B 175 39.03 -2.40 0.94
N GLN B 176 38.34 -1.33 1.38
CA GLN B 176 39.00 -0.29 2.16
C GLN B 176 39.51 -0.83 3.47
N ALA B 177 38.74 -1.67 4.13
CA ALA B 177 39.11 -2.15 5.46
C ALA B 177 40.40 -2.99 5.38
N ILE B 178 40.49 -3.82 4.36
CA ILE B 178 41.62 -4.68 4.09
C ILE B 178 42.86 -3.85 3.78
N SER B 179 42.67 -2.82 2.97
CA SER B 179 43.74 -1.90 2.62
C SER B 179 44.25 -1.18 3.86
N THR B 180 43.33 -0.87 4.76
CA THR B 180 43.68 -0.26 6.03
C THR B 180 44.53 -1.24 6.86
N LEU B 181 44.12 -2.50 6.85
CA LEU B 181 44.81 -3.55 7.58
C LEU B 181 46.23 -3.77 7.09
N GLU B 182 46.43 -3.71 5.77
CA GLU B 182 47.76 -3.86 5.21
C GLU B 182 48.69 -2.85 5.86
N LYS B 183 48.18 -1.63 6.08
CA LYS B 183 49.00 -0.57 6.63
C LYS B 183 49.29 -0.81 8.10
N TYR B 184 48.28 -1.19 8.87
CA TYR B 184 48.52 -1.52 10.27
C TYR B 184 49.50 -2.66 10.37
N LYS B 185 49.37 -3.65 9.47
CA LYS B 185 50.15 -4.85 9.53
C LYS B 185 51.61 -4.56 9.19
N ASP B 186 51.83 -3.68 8.21
CA ASP B 186 53.18 -3.24 7.86
C ASP B 186 53.84 -2.56 9.05
N ASN B 187 53.13 -1.68 9.73
CA ASN B 187 53.71 -1.01 10.89
C ASN B 187 53.93 -1.97 12.06
N PHE B 188 53.03 -2.95 12.21
CA PHE B 188 53.22 -3.98 13.22
C PHE B 188 54.49 -4.77 12.95
N ASN B 189 54.74 -5.08 11.69
CA ASN B 189 55.93 -5.83 11.34
C ASN B 189 57.18 -5.00 11.66
N LYS B 190 57.17 -3.72 11.31
CA LYS B 190 58.31 -2.86 11.59
C LYS B 190 58.54 -2.72 13.08
N LEU B 191 57.48 -2.70 13.88
CA LEU B 191 57.69 -2.59 15.32
C LEU B 191 58.26 -3.91 15.83
N LEU B 192 57.73 -4.99 15.29
CA LEU B 192 58.12 -6.30 15.75
C LEU B 192 59.59 -6.57 15.51
N SER B 193 60.09 -6.21 14.34
CA SER B 193 61.47 -6.48 13.99
C SER B 193 62.42 -5.57 14.76
N GLU B 194 61.95 -4.37 15.10
CA GLU B 194 62.74 -3.51 15.97
C GLU B 194 62.79 -4.13 17.36
N LEU B 195 61.64 -4.56 17.86
CA LEU B 195 61.60 -5.26 19.15
C LEU B 195 62.48 -6.52 19.17
N GLU B 196 62.51 -7.23 18.05
CA GLU B 196 63.29 -8.45 17.94
C GLU B 196 64.75 -8.15 18.26
N VAL B 197 65.26 -7.08 17.66
CA VAL B 197 66.62 -6.63 17.86
C VAL B 197 66.87 -6.30 19.32
N LEU B 198 66.00 -5.47 19.88
CA LEU B 198 66.12 -5.09 21.29
C LEU B 198 66.08 -6.30 22.21
N GLU B 199 65.22 -7.26 21.87
CA GLU B 199 65.05 -8.48 22.65
C GLU B 199 66.36 -9.29 22.69
N LEU B 200 66.95 -9.48 21.51
CA LEU B 200 68.20 -10.21 21.38
C LEU B 200 69.39 -9.50 22.02
N GLU B 201 69.28 -8.20 22.26
CA GLU B 201 70.36 -7.46 22.89
C GLU B 201 70.03 -7.12 24.34
N ASN B 202 68.87 -7.56 24.81
CA ASN B 202 68.42 -7.29 26.18
C ASN B 202 68.41 -5.81 26.54
N ARG B 203 67.88 -4.98 25.63
CA ARG B 203 67.72 -3.53 25.85
C ARG B 203 66.25 -3.09 25.74
N VAL B 204 65.32 -4.02 25.94
CA VAL B 204 63.90 -3.72 25.77
C VAL B 204 63.35 -2.85 26.91
N THR B 205 62.63 -1.79 26.57
CA THR B 205 61.90 -1.02 27.58
C THR B 205 60.41 -1.35 27.47
N LEU B 206 59.67 -1.01 28.51
CA LEU B 206 58.24 -1.27 28.53
C LEU B 206 57.52 -0.52 27.39
N ALA B 207 58.07 0.61 26.97
CA ALA B 207 57.49 1.38 25.86
C ALA B 207 57.50 0.57 24.57
N ASP B 208 58.63 -0.07 24.26
CA ASP B 208 58.71 -0.90 23.06
C ASP B 208 57.67 -1.99 23.09
N VAL B 209 57.58 -2.68 24.22
CA VAL B 209 56.60 -3.75 24.38
C VAL B 209 55.18 -3.26 24.16
N VAL B 210 54.80 -2.21 24.89
CA VAL B 210 53.45 -1.65 24.83
C VAL B 210 53.11 -1.11 23.45
N ARG B 211 54.09 -0.48 22.80
CA ARG B 211 53.93 0.08 21.47
C ARG B 211 53.59 -1.01 20.47
N THR B 212 54.26 -2.14 20.61
CA THR B 212 54.03 -3.28 19.72
C THR B 212 52.67 -3.92 19.97
N LEU B 213 52.36 -4.15 21.24
CA LEU B 213 51.09 -4.74 21.62
C LEU B 213 49.92 -3.89 21.12
N ALA B 214 50.01 -2.58 21.27
CA ALA B 214 48.92 -1.67 20.96
C ALA B 214 48.58 -1.72 19.49
N LYS B 215 49.60 -1.77 18.65
CA LYS B 215 49.37 -1.82 17.22
C LYS B 215 48.75 -3.14 16.85
N GLY B 216 49.19 -4.21 17.49
CA GLY B 216 48.63 -5.54 17.26
C GLY B 216 47.17 -5.57 17.68
N PHE B 217 46.89 -4.95 18.83
CA PHE B 217 45.53 -4.87 19.33
C PHE B 217 44.59 -4.14 18.36
N GLU B 218 45.04 -2.97 17.90
CA GLU B 218 44.30 -2.16 16.95
C GLU B 218 44.05 -2.91 15.64
N LEU B 219 45.07 -3.62 15.18
CA LEU B 219 44.94 -4.42 13.97
C LEU B 219 43.82 -5.45 14.13
N LEU B 220 43.76 -6.07 15.31
CA LEU B 220 42.77 -7.11 15.50
C LEU B 220 41.37 -6.51 15.74
N ARG B 221 41.30 -5.30 16.28
CA ARG B 221 40.02 -4.60 16.45
C ARG B 221 39.39 -4.37 15.09
N ILE B 222 40.19 -3.92 14.14
CA ILE B 222 39.72 -3.68 12.79
C ILE B 222 39.12 -4.94 12.20
N VAL B 223 39.76 -6.06 12.45
CA VAL B 223 39.23 -7.33 11.96
C VAL B 223 37.85 -7.58 12.58
N GLU B 224 37.72 -7.28 13.87
CA GLU B 224 36.46 -7.45 14.57
C GLU B 224 35.38 -6.55 14.03
N GLU B 225 35.73 -5.32 13.69
CA GLU B 225 34.73 -4.38 13.18
C GLU B 225 34.23 -4.73 11.78
N ILE B 226 35.11 -5.30 10.97
CA ILE B 226 34.77 -5.56 9.59
C ILE B 226 34.01 -6.89 9.46
N ARG B 227 34.17 -7.76 10.46
CA ARG B 227 33.53 -9.07 10.43
C ARG B 227 32.04 -9.12 10.00
N PRO B 228 31.17 -8.22 10.53
CA PRO B 228 29.77 -8.30 10.06
C PRO B 228 29.59 -8.06 8.57
N TYR B 229 30.36 -7.16 7.99
CA TYR B 229 30.27 -6.92 6.56
C TYR B 229 30.62 -8.20 5.81
N ILE B 230 31.65 -8.88 6.30
CA ILE B 230 32.09 -10.12 5.65
C ILE B 230 31.07 -11.24 5.70
N VAL B 231 30.42 -11.38 6.85
CA VAL B 231 29.34 -12.34 7.02
C VAL B 231 28.24 -11.97 6.02
N GLU B 232 27.81 -10.71 6.06
CA GLU B 232 26.83 -10.16 5.16
C GLU B 232 27.15 -10.41 3.68
N LEU B 233 28.43 -10.59 3.36
CA LEU B 233 28.80 -10.82 1.96
C LEU B 233 28.55 -12.26 1.47
N GLY B 234 28.36 -13.18 2.41
CA GLY B 234 28.07 -14.56 2.04
C GLY B 234 29.11 -15.14 1.11
N GLU B 235 28.65 -15.75 0.01
CA GLU B 235 29.58 -16.37 -0.94
C GLU B 235 30.49 -15.34 -1.59
N GLU B 236 30.02 -14.11 -1.68
CA GLU B 236 30.85 -13.05 -2.27
C GLU B 236 31.96 -12.53 -1.35
N GLY B 237 32.12 -13.14 -0.17
CA GLY B 237 33.16 -12.72 0.77
C GLY B 237 34.26 -13.74 0.95
N ARG B 238 34.32 -14.72 0.07
CA ARG B 238 35.29 -15.80 0.15
C ARG B 238 36.72 -15.27 0.01
N LEU B 239 36.96 -14.47 -1.03
CA LEU B 239 38.26 -13.86 -1.26
C LEU B 239 38.64 -12.93 -0.12
N ALA B 240 37.68 -12.13 0.33
CA ALA B 240 37.96 -11.22 1.45
C ALA B 240 38.38 -11.98 2.71
N ARG B 241 37.74 -13.11 2.98
CA ARG B 241 38.11 -13.94 4.12
C ARG B 241 39.56 -14.46 3.98
N MET B 242 39.91 -14.95 2.80
CA MET B 242 41.26 -15.45 2.57
C MET B 242 42.29 -14.35 2.81
N GLN B 243 41.99 -13.15 2.34
CA GLN B 243 42.87 -12.00 2.58
C GLN B 243 43.04 -11.67 4.04
N LEU B 244 41.95 -11.62 4.80
CA LEU B 244 42.06 -11.39 6.24
C LEU B 244 42.84 -12.51 6.90
N ARG B 245 42.64 -13.73 6.42
CA ARG B 245 43.35 -14.86 7.01
C ARG B 245 44.85 -14.68 6.77
N GLU B 246 45.26 -14.43 5.53
CA GLU B 246 46.66 -14.23 5.20
C GLU B 246 47.29 -13.11 6.01
N LEU B 247 46.54 -12.04 6.21
CA LEU B 247 47.06 -10.85 6.87
C LEU B 247 47.19 -10.98 8.37
N THR B 248 46.32 -11.78 8.99
CA THR B 248 46.31 -11.85 10.45
C THR B 248 46.63 -13.23 11.05
N GLU B 249 46.97 -14.21 10.22
CA GLU B 249 46.91 -15.63 10.64
C GLU B 249 47.62 -15.98 11.95
N ASP B 250 48.74 -15.34 12.26
CA ASP B 250 49.44 -15.66 13.50
C ASP B 250 49.60 -14.47 14.45
N VAL B 251 48.89 -13.37 14.18
CA VAL B 251 49.03 -12.18 15.01
C VAL B 251 48.57 -12.45 16.44
N ASP B 252 47.43 -13.12 16.59
CA ASP B 252 46.86 -13.39 17.92
C ASP B 252 47.83 -14.21 18.79
N ASP B 253 48.34 -15.33 18.27
CA ASP B 253 49.32 -16.16 18.99
C ASP B 253 50.58 -15.36 19.34
N LEU B 254 50.95 -14.45 18.47
CA LEU B 254 52.14 -13.64 18.69
C LEU B 254 51.94 -12.69 19.85
N LEU B 255 50.76 -12.08 19.91
CA LEU B 255 50.45 -11.13 20.95
C LEU B 255 50.32 -11.84 22.30
N VAL B 256 49.82 -13.07 22.26
CA VAL B 256 49.71 -13.87 23.47
C VAL B 256 51.11 -14.15 24.05
N LEU B 257 52.04 -14.54 23.18
CA LEU B 257 53.40 -14.82 23.61
C LEU B 257 54.15 -13.57 24.08
N LEU B 258 53.80 -12.41 23.53
CA LEU B 258 54.39 -11.15 24.00
C LEU B 258 53.93 -10.85 25.41
N ILE B 259 52.65 -11.07 25.66
CA ILE B 259 52.08 -10.85 26.98
C ILE B 259 52.73 -11.80 28.00
N MET B 260 52.97 -13.05 27.60
CA MET B 260 53.60 -14.02 28.47
C MET B 260 55.08 -13.70 28.71
N ASP B 261 55.70 -13.00 27.76
CA ASP B 261 57.13 -12.70 27.86
C ASP B 261 57.42 -11.42 28.65
N TYR B 262 56.43 -10.53 28.77
CA TYR B 262 56.70 -9.22 29.36
C TYR B 262 55.75 -8.78 30.47
N SER B 263 54.78 -9.61 30.85
CA SER B 263 53.96 -9.23 31.99
C SER B 263 54.81 -9.26 33.25
N SER B 264 54.41 -8.47 34.25
CA SER B 264 55.24 -8.31 35.44
C SER B 264 55.31 -9.59 36.25
N GLU B 265 54.20 -10.31 36.31
CA GLU B 265 54.11 -11.58 37.00
C GLU B 265 53.85 -12.72 36.01
N GLU B 266 54.46 -13.87 36.23
CA GLU B 266 54.27 -15.02 35.34
C GLU B 266 52.78 -15.19 35.00
N VAL B 267 52.50 -15.56 33.76
CA VAL B 267 51.13 -15.63 33.29
C VAL B 267 50.88 -16.87 32.42
N GLU B 268 49.91 -17.68 32.82
CA GLU B 268 49.49 -18.84 32.04
C GLU B 268 48.98 -18.42 30.65
N GLU B 269 49.01 -19.34 29.69
CA GLU B 269 48.53 -19.03 28.35
C GLU B 269 47.08 -18.54 28.36
N GLU B 270 46.23 -19.22 29.13
CA GLU B 270 44.81 -18.89 29.15
C GLU B 270 44.60 -17.44 29.58
N THR B 271 45.31 -17.02 30.61
CA THR B 271 45.23 -15.64 31.07
C THR B 271 45.70 -14.64 30.00
N ALA B 272 46.79 -14.99 29.32
CA ALA B 272 47.31 -14.13 28.27
C ALA B 272 46.27 -13.95 27.17
N GLN B 273 45.64 -15.04 26.74
CA GLN B 273 44.57 -14.97 25.75
C GLN B 273 43.39 -14.11 26.21
N ASN B 274 43.16 -14.07 27.53
CA ASN B 274 42.07 -13.27 28.06
C ASN B 274 42.42 -11.79 28.04
N ILE B 275 43.70 -11.50 28.26
CA ILE B 275 44.23 -10.15 28.06
C ILE B 275 44.02 -9.69 26.63
N LEU B 276 44.40 -10.55 25.68
CA LEU B 276 44.24 -10.25 24.28
C LEU B 276 42.79 -9.95 24.01
N GLN B 277 41.91 -10.82 24.50
CA GLN B 277 40.48 -10.73 24.21
C GLN B 277 39.91 -9.44 24.79
N ASP B 278 40.43 -9.04 25.94
CA ASP B 278 40.00 -7.81 26.59
C ASP B 278 40.30 -6.57 25.76
N PHE B 279 41.55 -6.41 25.29
CA PHE B 279 41.92 -5.20 24.54
C PHE B 279 41.40 -5.17 23.10
N ILE B 280 40.93 -6.31 22.63
CA ILE B 280 40.28 -6.38 21.34
C ILE B 280 38.82 -5.91 21.44
N THR B 281 38.16 -6.19 22.56
CA THR B 281 36.75 -5.84 22.72
C THR B 281 36.51 -4.78 23.80
N ARG B 282 36.61 -5.18 25.07
CA ARG B 282 36.22 -4.33 26.20
C ARG B 282 37.03 -3.03 26.38
N ARG B 283 38.28 -3.13 26.76
CA ARG B 283 39.09 -1.94 26.99
C ARG B 283 39.75 -1.38 25.77
N GLU B 284 40.11 -0.10 25.81
CA GLU B 284 40.80 0.52 24.69
C GLU B 284 42.33 0.43 24.92
N PRO B 285 43.06 -0.01 23.89
CA PRO B 285 44.50 -0.29 24.02
C PRO B 285 45.34 0.98 24.14
N SER B 286 45.17 1.70 25.25
CA SER B 286 46.02 2.85 25.55
C SER B 286 47.32 2.43 26.26
N PRO B 287 48.42 3.14 25.99
CA PRO B 287 49.76 2.80 26.50
C PRO B 287 49.77 2.53 28.00
N ILE B 288 49.31 3.51 28.77
CA ILE B 288 49.19 3.37 30.21
C ILE B 288 48.33 2.18 30.60
N SER B 289 47.17 2.05 29.96
CA SER B 289 46.24 0.96 30.30
C SER B 289 46.85 -0.41 30.04
N ILE B 290 47.56 -0.56 28.92
CA ILE B 290 48.16 -1.85 28.57
C ILE B 290 49.22 -2.23 29.58
N SER B 291 50.06 -1.26 29.93
CA SER B 291 51.12 -1.51 30.90
C SER B 291 50.53 -1.80 32.27
N ARG B 292 49.47 -1.11 32.64
CA ARG B 292 48.82 -1.35 33.91
C ARG B 292 48.30 -2.77 33.95
N VAL B 293 47.65 -3.21 32.88
CA VAL B 293 47.13 -4.58 32.82
C VAL B 293 48.30 -5.57 32.86
N LEU B 294 49.45 -5.17 32.33
CA LEU B 294 50.64 -6.04 32.35
C LEU B 294 51.27 -6.09 33.73
N GLY B 295 50.78 -5.26 34.65
CA GLY B 295 51.19 -5.32 36.05
C GLY B 295 52.22 -4.29 36.43
N TYR B 296 52.18 -3.13 35.79
CA TYR B 296 53.17 -2.09 36.02
C TYR B 296 52.50 -0.81 36.50
N ASP B 297 52.78 -0.46 37.75
CA ASP B 297 52.18 0.72 38.36
C ASP B 297 52.73 2.00 37.70
N VAL B 298 52.16 2.36 36.56
CA VAL B 298 52.59 3.52 35.80
C VAL B 298 51.45 4.55 35.79
N GLN B 299 51.81 5.84 35.77
CA GLN B 299 50.82 6.91 35.85
C GLN B 299 50.95 7.90 34.68
N GLN B 300 51.87 7.64 33.76
CA GLN B 300 52.17 8.58 32.68
C GLN B 300 53.06 7.94 31.61
N ALA B 301 52.68 8.10 30.35
CA ALA B 301 53.33 7.41 29.24
C ALA B 301 54.84 7.64 29.19
N ALA B 302 55.28 8.82 29.59
CA ALA B 302 56.70 9.15 29.54
C ALA B 302 57.53 8.24 30.44
N GLN B 303 56.87 7.59 31.40
CA GLN B 303 57.55 6.67 32.31
C GLN B 303 57.90 5.35 31.62
N LEU B 304 57.19 4.99 30.57
CA LEU B 304 57.37 3.68 29.94
C LEU B 304 58.78 3.48 29.39
N ASP B 305 59.42 4.55 28.97
CA ASP B 305 60.76 4.46 28.43
C ASP B 305 61.82 4.14 29.49
N ASP B 306 61.47 4.31 30.76
CA ASP B 306 62.47 4.12 31.81
C ASP B 306 62.38 2.74 32.43
N VAL B 307 61.28 2.05 32.18
CA VAL B 307 61.06 0.71 32.72
C VAL B 307 61.72 -0.35 31.85
N LEU B 308 62.79 -0.95 32.37
CA LEU B 308 63.50 -2.03 31.69
C LEU B 308 62.83 -3.40 31.89
N VAL B 309 62.71 -4.18 30.82
CA VAL B 309 62.08 -5.49 30.93
C VAL B 309 62.86 -6.52 30.12
N SER B 310 62.72 -7.79 30.50
CA SER B 310 63.39 -8.88 29.79
C SER B 310 62.41 -10.00 29.45
N ALA B 311 62.36 -10.36 28.18
CA ALA B 311 61.48 -11.44 27.73
C ALA B 311 61.85 -12.75 28.44
N ARG B 312 60.85 -13.49 28.90
CA ARG B 312 61.13 -14.78 29.53
C ARG B 312 61.62 -15.77 28.48
N GLY B 313 61.11 -15.64 27.25
CA GLY B 313 61.62 -16.40 26.12
C GLY B 313 60.60 -17.29 25.41
N TYR B 314 59.35 -17.21 25.84
CA TYR B 314 58.33 -18.07 25.26
C TYR B 314 58.17 -17.84 23.74
N ARG B 315 58.12 -16.58 23.34
CA ARG B 315 57.86 -16.25 21.94
C ARG B 315 58.93 -16.87 21.06
N LEU B 316 60.16 -16.73 21.46
CA LEU B 316 61.23 -17.29 20.68
C LEU B 316 61.24 -18.81 20.73
N LEU B 317 60.97 -19.38 21.91
CA LEU B 317 61.02 -20.84 22.05
C LEU B 317 59.90 -21.52 21.25
N LYS B 318 58.72 -20.92 21.23
CA LYS B 318 57.62 -21.56 20.51
C LYS B 318 57.79 -21.32 19.02
N THR B 319 57.99 -20.07 18.64
CA THR B 319 57.96 -19.64 17.26
C THR B 319 59.17 -20.08 16.46
N VAL B 320 60.36 -19.94 17.04
CA VAL B 320 61.59 -20.20 16.32
C VAL B 320 62.21 -21.57 16.62
N ALA B 321 62.12 -22.01 17.87
CA ALA B 321 62.71 -23.28 18.26
C ALA B 321 61.69 -24.42 18.18
N ARG B 322 60.43 -24.07 17.94
CA ARG B 322 59.32 -25.03 17.83
C ARG B 322 59.16 -25.87 19.09
N ILE B 323 59.47 -25.28 20.24
CA ILE B 323 59.26 -25.96 21.51
C ILE B 323 57.83 -25.71 21.96
N PRO B 324 57.07 -26.79 22.22
CA PRO B 324 55.70 -26.66 22.73
C PRO B 324 55.70 -25.86 24.02
N LEU B 325 54.64 -25.08 24.24
CA LEU B 325 54.55 -24.20 25.39
C LEU B 325 54.70 -24.95 26.71
N SER B 326 54.04 -26.11 26.80
CA SER B 326 54.15 -26.98 27.97
C SER B 326 55.59 -27.18 28.39
N ILE B 327 56.42 -27.50 27.41
CA ILE B 327 57.84 -27.72 27.64
C ILE B 327 58.55 -26.38 27.81
N GLY B 328 58.03 -25.36 27.14
CA GLY B 328 58.55 -24.01 27.27
C GLY B 328 58.68 -23.57 28.72
N TYR B 329 57.60 -23.69 29.48
CA TYR B 329 57.59 -23.34 30.90
C TYR B 329 58.78 -23.94 31.65
N ASN B 330 59.07 -25.21 31.40
CA ASN B 330 60.19 -25.88 32.07
C ASN B 330 61.50 -25.20 31.74
N VAL B 331 61.63 -24.71 30.51
CA VAL B 331 62.85 -24.02 30.09
C VAL B 331 62.96 -22.68 30.81
N VAL B 332 61.83 -21.99 30.90
CA VAL B 332 61.80 -20.70 31.57
C VAL B 332 61.98 -20.80 33.09
N ARG B 333 61.32 -21.77 33.72
CA ARG B 333 61.48 -21.94 35.17
C ARG B 333 62.93 -22.14 35.52
N MET B 334 63.68 -22.79 34.63
CA MET B 334 65.09 -22.98 34.86
C MET B 334 65.93 -21.74 34.58
N PHE B 335 65.77 -21.13 33.40
CA PHE B 335 66.71 -20.09 32.98
C PHE B 335 66.15 -18.66 33.18
N LYS B 336 64.86 -18.58 33.46
CA LYS B 336 64.16 -17.34 33.81
C LYS B 336 64.04 -16.37 32.62
N THR B 337 65.14 -16.00 31.96
CA THR B 337 65.02 -15.13 30.78
C THR B 337 65.67 -15.63 29.51
N LEU B 338 65.20 -15.06 28.39
CA LEU B 338 65.75 -15.33 27.08
C LEU B 338 67.26 -15.06 27.05
N ASP B 339 67.67 -13.99 27.72
CA ASP B 339 69.07 -13.63 27.76
C ASP B 339 69.90 -14.78 28.33
N GLN B 340 69.44 -15.39 29.42
CA GLN B 340 70.11 -16.56 29.99
C GLN B 340 70.02 -17.80 29.07
N ILE B 341 68.86 -17.99 28.43
CA ILE B 341 68.70 -19.13 27.53
C ILE B 341 69.71 -19.04 26.39
N SER B 342 69.99 -17.80 25.98
CA SER B 342 70.89 -17.56 24.85
C SER B 342 72.34 -17.78 25.23
N LYS B 343 72.58 -18.02 26.52
CA LYS B 343 73.94 -18.27 26.98
C LYS B 343 74.10 -19.73 27.36
N ALA B 344 73.00 -20.46 27.42
CA ALA B 344 73.06 -21.84 27.86
C ALA B 344 73.71 -22.72 26.80
N SER B 345 74.50 -23.69 27.25
CA SER B 345 75.08 -24.67 26.36
C SER B 345 74.03 -25.73 26.03
N VAL B 346 74.32 -26.54 25.03
CA VAL B 346 73.47 -27.68 24.75
C VAL B 346 73.38 -28.53 26.00
N GLU B 347 74.53 -28.82 26.60
CA GLU B 347 74.58 -29.60 27.83
C GLU B 347 73.71 -28.97 28.93
N ASP B 348 73.89 -27.67 29.20
CA ASP B 348 72.99 -26.95 30.11
C ASP B 348 71.50 -27.19 29.79
N LEU B 349 71.13 -26.96 28.53
CA LEU B 349 69.72 -27.01 28.12
C LEU B 349 69.10 -28.39 28.27
N LYS B 350 69.93 -29.43 28.13
CA LYS B 350 69.44 -30.81 28.20
C LYS B 350 69.00 -31.17 29.63
N LYS B 351 69.52 -30.43 30.60
CA LYS B 351 69.14 -30.64 31.99
C LYS B 351 67.70 -30.21 32.29
N VAL B 352 67.03 -29.61 31.31
CA VAL B 352 65.63 -29.22 31.45
C VAL B 352 64.75 -30.43 31.17
N GLU B 353 63.63 -30.55 31.86
CA GLU B 353 62.70 -31.62 31.55
C GLU B 353 62.07 -31.36 30.19
N GLY B 354 62.26 -32.31 29.28
CA GLY B 354 61.65 -32.24 27.96
C GLY B 354 62.61 -31.82 26.86
N ILE B 355 63.89 -31.65 27.19
CA ILE B 355 64.83 -31.22 26.16
C ILE B 355 65.87 -32.32 25.90
N GLY B 356 65.67 -33.02 24.77
CA GLY B 356 66.63 -34.00 24.32
C GLY B 356 67.74 -33.29 23.55
N GLU B 357 68.58 -34.05 22.87
CA GLU B 357 69.69 -33.46 22.13
C GLU B 357 69.20 -32.62 20.95
N LYS B 358 68.03 -32.94 20.40
CA LYS B 358 67.51 -32.20 19.24
C LYS B 358 66.84 -30.89 19.66
N ARG B 359 66.00 -30.93 20.68
CA ARG B 359 65.40 -29.70 21.17
C ARG B 359 66.48 -28.75 21.71
N ALA B 360 67.49 -29.32 22.39
CA ALA B 360 68.60 -28.53 22.90
C ALA B 360 69.32 -27.79 21.80
N ARG B 361 69.66 -28.49 20.73
CA ARG B 361 70.38 -27.85 19.63
C ARG B 361 69.44 -26.96 18.82
N ALA B 362 68.15 -27.30 18.81
CA ALA B 362 67.18 -26.44 18.14
C ALA B 362 67.09 -25.10 18.86
N ILE B 363 67.03 -25.14 20.18
CA ILE B 363 66.96 -23.92 20.98
C ILE B 363 68.23 -23.09 20.85
N SER B 364 69.39 -23.75 20.94
CA SER B 364 70.65 -23.02 20.97
C SER B 364 71.04 -22.48 19.60
N GLU B 365 70.92 -23.31 18.57
CA GLU B 365 71.28 -22.86 17.23
C GLU B 365 70.29 -21.82 16.69
N SER B 366 69.00 -21.95 17.02
CA SER B 366 68.07 -20.96 16.49
C SER B 366 68.37 -19.60 17.13
N ILE B 367 68.74 -19.59 18.41
CA ILE B 367 69.05 -18.30 19.02
C ILE B 367 70.36 -17.71 18.49
N SER B 368 71.41 -18.53 18.41
CA SER B 368 72.69 -18.03 17.92
C SER B 368 72.54 -17.62 16.46
N SER B 369 71.80 -18.39 15.67
CA SER B 369 71.51 -17.98 14.29
C SER B 369 70.85 -16.59 14.23
N LEU B 370 69.84 -16.34 15.07
CA LEU B 370 69.16 -15.03 15.06
C LEU B 370 70.07 -13.89 15.55
N LYS B 371 70.90 -14.18 16.56
CA LYS B 371 71.84 -13.19 17.08
C LYS B 371 72.87 -12.77 16.03
N HIS B 372 73.35 -13.76 15.27
CA HIS B 372 74.28 -13.52 14.18
C HIS B 372 73.65 -12.68 13.06
N ARG B 373 72.51 -13.12 12.56
CA ARG B 373 71.86 -12.45 11.44
C ARG B 373 71.30 -11.07 11.77
N LYS B 374 70.62 -10.95 12.92
CA LYS B 374 69.83 -9.76 13.22
C LYS B 374 70.58 -8.71 14.05
N THR B 375 71.65 -9.12 14.73
CA THR B 375 72.42 -8.20 15.56
C THR B 375 73.90 -8.25 15.18
P 2BA C . -0.62 -0.90 -3.38
O1P 2BA C . -1.57 -1.94 -2.84
O2P 2BA C . -0.99 -0.70 -4.89
O5' 2BA C . -0.86 0.39 -2.49
C5' 2BA C . -0.95 1.63 -3.14
C4' 2BA C . -0.84 2.87 -2.17
O4' 2BA C . -2.02 3.12 -1.62
C3' 2BA C . 0.11 2.70 -1.00
O3' 2BA C . 1.39 2.96 -1.41
C2' 2BA C . -0.45 3.89 -0.11
O2' 2BA C . 0.26 5.10 -0.50
C1' 2BA C . -1.74 3.99 -0.30
N9 2BA C . -2.32 3.42 0.87
C8 2BA C . -2.69 2.15 0.70
N7 2BA C . -3.19 1.65 1.87
C5 2BA C . -3.10 2.66 2.80
C6 2BA C . -3.45 2.74 4.17
N6 2BA C . -4.01 1.77 5.06
N1 2BA C . -3.25 3.87 4.84
C2 2BA C . -2.73 4.96 4.22
N3 2BA C . -2.37 4.89 2.90
C4 2BA C . -2.57 3.74 2.19
P1 2BA C . 2.64 2.26 -0.61
O1P1 2BA C . 2.50 2.53 0.88
O2P1 2BA C . 4.00 2.76 -0.99
O5'1 2BA C . 2.41 0.60 -0.78
C5'1 2BA C . 3.18 0.03 -1.80
C4'1 2BA C . 2.95 -1.45 -1.87
O4'1 2BA C . 3.38 -2.06 -0.81
C3'1 2BA C . 1.35 -1.81 -1.91
O3'1 2BA C . 0.90 -1.57 -3.27
C2'1 2BA C . 1.29 -3.04 -1.60
O2'1 2BA C . 1.52 -3.93 -2.80
C1'1 2BA C . 2.46 -3.26 -0.57
N91 2BA C . 1.98 -3.27 0.65
C81 2BA C . 1.97 -2.28 1.56
N71 2BA C . 1.31 -2.75 2.65
C51 2BA C . 0.91 -4.04 2.41
C61 2BA C . 0.21 -4.98 3.18
N61 2BA C . -0.27 -4.73 4.52
N11 2BA C . -0.08 -6.20 2.68
C21 2BA C . 0.33 -6.51 1.42
N31 2BA C . 1.02 -5.59 0.65
C41 2BA C . 1.30 -4.34 1.16
C1 MPD D . 4.06 8.45 5.95
C2 MPD D . 3.50 7.10 5.53
O2 MPD D . 2.06 7.14 5.31
CM MPD D . 4.17 6.74 4.21
C3 MPD D . 3.78 6.14 6.69
C4 MPD D . 4.00 6.91 8.00
O4 MPD D . 2.81 6.92 8.75
C5 MPD D . 5.12 6.35 8.83
#